data_8DWG
#
_entry.id   8DWG
#
_cell.length_a   1.00
_cell.length_b   1.00
_cell.length_c   1.00
_cell.angle_alpha   90.00
_cell.angle_beta   90.00
_cell.angle_gamma   90.00
#
_symmetry.space_group_name_H-M   'P 1'
#
loop_
_entity.id
_entity.type
_entity.pdbx_description
1 polymer Proenkephalin-A
2 polymer 'Gs-mini-Gq chimera'
3 polymer 'Guanine nucleotide-binding protein G(I)/G(S)/G(T) subunit beta-1'
4 polymer 'Guanine nucleotide-binding protein G(I)/G(S)/G(O) subunit gamma-2'
5 polymer 'Mas-related G-protein coupled receptor member X1'
6 polymer scFv16
7 non-polymer 2-[(cyclopropanesulfonyl)amino]-N-(2-ethoxyphenyl)benzamide
#
loop_
_entity_poly.entity_id
_entity_poly.type
_entity_poly.pdbx_seq_one_letter_code
_entity_poly.pdbx_strand_id
1 'polypeptide(L)' VGRPEWWMDYQKRYG A
2 'polypeptide(L)'
;MGSTVSAEDKAAAERSKMIDKNLREDGEKARRTLRLLLLGADNSGKSTIVKQMRILHGGSGGSGGTSGIFETKFQVDKVN
FHMFDVGGQRDERRKWIQCFNDVTAIIFVVDSSDYNRLQEALNDFKSIWNNRWLRTISVILFLNKQDLLAEKVLAGKSKI
EDYFPEFARYTTPEDATPEPGEDPRVTRAKYFIRKEFVDISTASGDGRHICYPHFTCAVDTENARRIFNDCKDIILQMNL
REYNLV
;
B
3 'polypeptide(L)'
;GPGSSGSELDQLRQEAEQLKNQIRDARKACADATLSQITNNIDPVGRIQMRTRRTLRGHLAKIYAMHWGTDSRLLVSASQ
DGKLIIWDSYTTNKVHAIPLRSSWVMTCAYAPSGNYVACGGLDNICSIYNLKTREGNVRVSRELAGHTGYLSCCRFLDDN
QIVTSSGDTTCALWDIETGQQTTTFTGHTGDVMSLSLAPDTRLFVSGACDASAKLWDVREGMCRQTFTGHESDINAICFF
PNGNAFATGSDDATCRLFDLRADQELMTYSHDNIICGITSVSFSKSGRLLLAGYDDFNCNVWDALKADRAGVLAGHDNRV
SCLGVTDDGMAVATGSWDSFLKIWN
;
C
4 'polypeptide(L)' MASNNTASIAQARKLVEQLKMEANIDRIKVSKAAADLMAYCEAHAKEDPLLTPVPASENPFREKKFFCAIL D
5 'polypeptide(L)'
;GPDPTISTLDTELTPINGTEETLCYKQTLSLTVLTCIVSLVGLTGNAVVLWLLGCRMRRNAFSIYILNLAAADFLFLSGR
LIYSLLSFISIPHTISKILYPVMMFSYFAGLSFLSAVSTERCLSVLWPIWYRCHRPTHLSAVVCVLLWALSLLRSILEWM
LCGFLFSGADSAWCQTSDFITVAWLIFLCVVLCGSSLVLLIRILCGSRKIPLTRLYVTILLTVLVFLLCGLPFGIQFFLF
LWIHVDREVLFCHVHLVSIFLSALNSSANPIIYFFVGSFRQRQNRQNLKLVLQRALQDASEVDEGGGQLPEEILELSGSR
LEQ
;
R
6 'polypeptide(L)'
;DVQLVESGGGLVQPGGSRKLSCSASGFAFSSFGMHWVRQAPEKGLEWVAYISSGSGTIYYADTVKGRFTISRDDPKNTLF
LQMTSLRSEDTAMYYCVRSIYYYGSSPFDFWGQGTTLTVSSGGGGSGGGGSGGGGSDIVMTQATSSVPVTPGESVSISCR
SSKSLLHSNGNTYLYWFLQRPGQSPQLLIYRMSNLASGVPDRFSGSGSGTAFTLTISRLEAEDVGVYYCMQHLEYPLTFG
AGTKLELKAAALEVLFQ
;
E
#
# COMPACT_ATOMS: atom_id res chain seq x y z
N GLY A 2 3.86 63.04 -7.30
CA GLY A 2 4.13 62.43 -6.01
C GLY A 2 2.90 61.80 -5.38
N ARG A 3 3.02 61.42 -4.12
CA ARG A 3 1.91 60.81 -3.40
C ARG A 3 0.75 61.78 -3.34
N PRO A 4 -0.44 61.40 -3.79
CA PRO A 4 -1.58 62.33 -3.76
C PRO A 4 -1.92 62.77 -2.35
N GLU A 5 -2.35 64.03 -2.24
CA GLU A 5 -2.67 64.61 -0.95
C GLU A 5 -4.03 64.19 -0.42
N TRP A 6 -4.81 63.44 -1.19
CA TRP A 6 -6.13 63.01 -0.76
C TRP A 6 -6.09 61.69 0.01
N TRP A 7 -4.92 61.10 0.20
CA TRP A 7 -4.84 59.77 0.77
C TRP A 7 -5.14 59.80 2.27
N MET A 8 -5.70 58.71 2.76
CA MET A 8 -5.98 58.54 4.18
C MET A 8 -4.86 57.73 4.83
N ASP A 9 -5.08 57.33 6.09
CA ASP A 9 -4.04 56.60 6.81
C ASP A 9 -3.84 55.20 6.26
N TYR A 10 -4.92 54.55 5.82
CA TYR A 10 -4.79 53.20 5.29
C TYR A 10 -4.26 53.17 3.86
N GLN A 11 -4.26 54.30 3.16
CA GLN A 11 -3.81 54.33 1.79
C GLN A 11 -2.31 54.56 1.66
N LYS A 12 -1.63 54.83 2.76
CA LYS A 12 -0.17 54.89 2.82
C LYS A 12 0.30 53.62 3.51
N ARG A 13 0.44 52.55 2.71
CA ARG A 13 0.65 51.22 3.24
C ARG A 13 2.12 50.87 3.43
N TYR A 14 3.02 51.80 3.18
CA TYR A 14 4.44 51.54 3.36
C TYR A 14 5.15 52.74 3.98
N VAL B 5 24.18 5.89 9.99
CA VAL B 5 24.03 4.91 8.93
C VAL B 5 25.40 4.45 8.43
N SER B 6 25.55 3.14 8.26
CA SER B 6 26.82 2.57 7.86
C SER B 6 27.01 2.70 6.36
N ALA B 7 28.13 2.17 5.86
CA ALA B 7 28.42 2.26 4.44
C ALA B 7 27.40 1.48 3.61
N GLU B 8 27.05 0.28 4.05
CA GLU B 8 26.14 -0.56 3.28
C GLU B 8 24.72 -0.55 3.81
N ASP B 9 24.38 0.42 4.66
CA ASP B 9 22.98 0.79 4.88
C ASP B 9 22.56 1.98 4.03
N LYS B 10 23.51 2.86 3.70
CA LYS B 10 23.26 3.84 2.65
C LYS B 10 23.00 3.16 1.31
N ALA B 11 23.75 2.10 1.03
CA ALA B 11 23.54 1.35 -0.20
C ALA B 11 22.22 0.59 -0.17
N ALA B 12 21.83 0.09 1.01
CA ALA B 12 20.51 -0.52 1.14
C ALA B 12 19.40 0.50 0.96
N ALA B 13 19.59 1.70 1.51
CA ALA B 13 18.60 2.76 1.31
C ALA B 13 18.53 3.17 -0.16
N GLU B 14 19.67 3.18 -0.84
CA GLU B 14 19.69 3.55 -2.26
C GLU B 14 19.00 2.48 -3.11
N ARG B 15 19.18 1.21 -2.77
CA ARG B 15 18.48 0.13 -3.47
C ARG B 15 16.98 0.20 -3.23
N SER B 16 16.57 0.56 -2.02
CA SER B 16 15.16 0.72 -1.72
C SER B 16 14.54 1.82 -2.57
N LYS B 17 15.27 2.93 -2.78
CA LYS B 17 14.75 4.02 -3.59
C LYS B 17 14.59 3.62 -5.04
N MET B 18 15.46 2.74 -5.55
CA MET B 18 15.28 2.25 -6.90
C MET B 18 14.07 1.33 -7.02
N ILE B 19 13.70 0.66 -5.94
CA ILE B 19 12.48 -0.14 -5.96
C ILE B 19 11.25 0.77 -5.99
N ASP B 20 11.27 1.86 -5.22
CA ASP B 20 10.18 2.82 -5.24
C ASP B 20 9.97 3.41 -6.63
N LYS B 21 11.04 3.61 -7.38
CA LYS B 21 10.93 4.19 -8.72
C LYS B 21 10.17 3.25 -9.65
N ASN B 22 10.51 1.96 -9.62
CA ASN B 22 9.82 1.01 -10.47
C ASN B 22 8.37 0.81 -10.05
N LEU B 23 8.09 0.84 -8.75
CA LEU B 23 6.71 0.74 -8.28
C LEU B 23 5.89 1.92 -8.78
N ARG B 24 6.43 3.13 -8.65
CA ARG B 24 5.73 4.32 -9.13
C ARG B 24 5.54 4.27 -10.63
N GLU B 25 6.56 3.80 -11.36
CA GLU B 25 6.47 3.77 -12.81
C GLU B 25 5.49 2.70 -13.27
N ASP B 26 5.36 1.60 -12.55
CA ASP B 26 4.42 0.56 -12.92
C ASP B 26 2.99 0.93 -12.60
N GLY B 27 2.78 1.74 -11.56
CA GLY B 27 1.44 2.20 -11.23
C GLY B 27 0.89 3.23 -12.17
N GLU B 28 1.76 3.96 -12.88
CA GLU B 28 1.29 4.88 -13.90
C GLU B 28 0.64 4.14 -15.07
N LYS B 29 1.22 3.01 -15.47
CA LYS B 29 0.58 2.19 -16.49
C LYS B 29 -0.76 1.66 -16.00
N ALA B 30 -0.83 1.26 -14.73
CA ALA B 30 -2.07 0.74 -14.18
C ALA B 30 -3.17 1.79 -14.12
N ARG B 31 -2.80 3.06 -14.04
CA ARG B 31 -3.80 4.13 -13.98
C ARG B 31 -4.45 4.38 -15.32
N ARG B 32 -3.77 4.05 -16.42
CA ARG B 32 -4.29 4.29 -17.76
C ARG B 32 -5.09 3.11 -18.30
N THR B 33 -5.24 2.04 -17.53
CA THR B 33 -6.04 0.90 -17.93
C THR B 33 -7.29 0.83 -17.07
N LEU B 34 -8.43 0.62 -17.73
CA LEU B 34 -9.72 0.50 -17.06
C LEU B 34 -10.05 -0.98 -16.88
N ARG B 35 -10.46 -1.36 -15.68
CA ARG B 35 -10.67 -2.75 -15.32
C ARG B 35 -12.15 -3.05 -15.18
N LEU B 36 -12.56 -4.18 -15.76
CA LEU B 36 -13.95 -4.59 -15.77
C LEU B 36 -14.06 -6.00 -15.23
N LEU B 37 -15.23 -6.33 -14.70
CA LEU B 37 -15.54 -7.69 -14.27
C LEU B 37 -16.71 -8.19 -15.11
N LEU B 38 -16.56 -9.37 -15.67
CA LEU B 38 -17.57 -9.97 -16.53
C LEU B 38 -18.35 -11.00 -15.74
N LEU B 39 -19.67 -10.89 -15.74
CA LEU B 39 -20.51 -11.72 -14.89
C LEU B 39 -21.79 -12.07 -15.65
N GLY B 40 -22.33 -13.23 -15.30
CA GLY B 40 -23.52 -13.73 -15.96
C GLY B 40 -23.57 -15.24 -16.00
N ALA B 41 -24.77 -15.81 -15.93
CA ALA B 41 -24.91 -17.25 -15.87
C ALA B 41 -24.50 -17.90 -17.19
N ASP B 42 -24.28 -19.21 -17.15
CA ASP B 42 -24.02 -19.97 -18.35
C ASP B 42 -25.26 -20.00 -19.22
N ASN B 43 -25.06 -20.02 -20.54
CA ASN B 43 -26.02 -19.90 -21.65
C ASN B 43 -26.38 -18.44 -21.93
N SER B 44 -25.66 -17.48 -21.36
CA SER B 44 -25.91 -16.07 -21.60
C SER B 44 -25.07 -15.51 -22.73
N GLY B 45 -24.26 -16.31 -23.40
CA GLY B 45 -23.38 -15.78 -24.44
C GLY B 45 -22.35 -14.83 -23.90
N LYS B 46 -21.84 -15.08 -22.70
CA LYS B 46 -20.97 -14.14 -22.01
C LYS B 46 -19.66 -13.93 -22.76
N SER B 47 -19.09 -15.00 -23.30
CA SER B 47 -17.78 -14.96 -23.94
C SER B 47 -17.83 -14.53 -25.39
N THR B 48 -18.91 -13.86 -25.82
CA THR B 48 -19.05 -13.39 -27.19
C THR B 48 -19.59 -11.98 -27.23
N ILE B 49 -19.11 -11.11 -26.34
CA ILE B 49 -19.54 -9.72 -26.31
C ILE B 49 -18.71 -8.89 -27.28
N VAL B 50 -17.41 -8.81 -27.05
CA VAL B 50 -16.54 -7.94 -27.86
C VAL B 50 -16.07 -8.79 -29.04
N LYS B 51 -16.89 -8.80 -30.08
CA LYS B 51 -16.61 -9.61 -31.26
C LYS B 51 -16.25 -8.73 -32.45
N GLY B 68 -8.87 -19.96 -13.03
CA GLY B 68 -9.90 -19.25 -12.31
C GLY B 68 -10.19 -17.88 -12.89
N ILE B 69 -9.23 -17.36 -13.65
CA ILE B 69 -9.33 -16.05 -14.28
C ILE B 69 -9.03 -16.21 -15.76
N PHE B 70 -9.87 -15.61 -16.59
CA PHE B 70 -9.62 -15.54 -18.04
C PHE B 70 -9.58 -14.06 -18.42
N GLU B 71 -8.41 -13.45 -18.29
CA GLU B 71 -8.25 -12.04 -18.60
C GLU B 71 -8.46 -11.78 -20.08
N THR B 72 -8.92 -10.58 -20.40
CA THR B 72 -9.18 -10.19 -21.77
C THR B 72 -8.91 -8.69 -21.91
N LYS B 73 -8.17 -8.33 -22.95
CA LYS B 73 -7.81 -6.94 -23.21
C LYS B 73 -8.46 -6.47 -24.50
N PHE B 74 -8.93 -5.22 -24.50
CA PHE B 74 -9.39 -4.55 -25.70
C PHE B 74 -9.31 -3.05 -25.46
N GLN B 75 -9.26 -2.29 -26.53
CA GLN B 75 -9.20 -0.84 -26.43
C GLN B 75 -10.18 -0.21 -27.41
N VAL B 76 -10.60 1.00 -27.07
CA VAL B 76 -11.55 1.75 -27.88
C VAL B 76 -11.33 3.24 -27.65
N ASP B 77 -11.22 4.00 -28.74
CA ASP B 77 -10.92 5.43 -28.71
C ASP B 77 -9.65 5.69 -27.89
N LYS B 78 -8.63 4.85 -28.10
CA LYS B 78 -7.32 4.99 -27.48
C LYS B 78 -7.38 4.89 -25.96
N VAL B 79 -8.30 4.10 -25.41
CA VAL B 79 -8.39 3.87 -23.98
C VAL B 79 -8.32 2.37 -23.73
N ASN B 80 -7.40 1.95 -22.88
CA ASN B 80 -7.24 0.54 -22.56
C ASN B 80 -8.37 0.05 -21.66
N PHE B 81 -8.87 -1.13 -21.98
CA PHE B 81 -9.87 -1.82 -21.17
C PHE B 81 -9.38 -3.24 -20.90
N HIS B 82 -9.75 -3.76 -19.74
CA HIS B 82 -9.16 -5.00 -19.26
C HIS B 82 -10.22 -5.77 -18.47
N MET B 83 -10.70 -6.87 -19.03
CA MET B 83 -11.92 -7.52 -18.58
C MET B 83 -11.62 -8.90 -18.01
N PHE B 84 -12.25 -9.23 -16.88
CA PHE B 84 -12.06 -10.47 -16.16
C PHE B 84 -13.37 -11.23 -16.03
N ASP B 85 -13.31 -12.55 -16.17
CA ASP B 85 -14.42 -13.42 -15.80
C ASP B 85 -13.90 -14.60 -14.99
N VAL B 86 -14.61 -14.92 -13.91
CA VAL B 86 -14.17 -15.94 -12.96
C VAL B 86 -14.97 -17.21 -13.22
N GLY B 87 -14.27 -18.28 -13.55
CA GLY B 87 -14.90 -19.56 -13.81
C GLY B 87 -14.23 -20.71 -13.07
N ARG B 93 -19.91 -17.06 -5.85
CA ARG B 93 -19.23 -15.77 -5.90
C ARG B 93 -19.35 -15.03 -4.59
N ARG B 94 -19.89 -15.71 -3.59
CA ARG B 94 -20.26 -15.03 -2.34
C ARG B 94 -19.06 -14.40 -1.64
N LYS B 95 -17.84 -14.86 -1.92
CA LYS B 95 -16.68 -14.39 -1.17
C LYS B 95 -15.67 -13.65 -2.03
N TRP B 96 -15.23 -14.24 -3.15
CA TRP B 96 -14.17 -13.63 -3.94
C TRP B 96 -14.60 -12.33 -4.61
N ILE B 97 -15.89 -12.02 -4.62
CA ILE B 97 -16.39 -10.80 -5.22
C ILE B 97 -15.84 -9.55 -4.52
N GLN B 98 -15.27 -9.72 -3.33
CA GLN B 98 -14.69 -8.59 -2.61
C GLN B 98 -13.41 -8.09 -3.27
N CYS B 99 -12.71 -8.98 -3.98
CA CYS B 99 -11.49 -8.57 -4.67
C CYS B 99 -11.78 -7.54 -5.74
N PHE B 100 -12.93 -7.65 -6.41
CA PHE B 100 -13.31 -6.72 -7.47
C PHE B 100 -14.15 -5.57 -6.92
N ASN B 101 -13.63 -4.91 -5.90
CA ASN B 101 -14.34 -3.81 -5.24
C ASN B 101 -13.94 -2.45 -5.78
N ASP B 102 -12.80 -2.35 -6.45
CA ASP B 102 -12.31 -1.09 -7.03
C ASP B 102 -12.32 -1.13 -8.55
N VAL B 103 -13.21 -1.92 -9.15
CA VAL B 103 -13.29 -1.99 -10.60
C VAL B 103 -14.08 -0.80 -11.12
N THR B 104 -13.85 -0.48 -12.40
CA THR B 104 -14.55 0.64 -13.01
C THR B 104 -16.01 0.32 -13.23
N ALA B 105 -16.32 -0.92 -13.63
CA ALA B 105 -17.70 -1.33 -13.85
C ALA B 105 -17.78 -2.84 -13.72
N ILE B 106 -19.02 -3.34 -13.73
CA ILE B 106 -19.32 -4.76 -13.84
C ILE B 106 -20.22 -4.94 -15.04
N ILE B 107 -19.89 -5.91 -15.88
CA ILE B 107 -20.71 -6.21 -17.05
C ILE B 107 -21.53 -7.45 -16.73
N PHE B 108 -22.83 -7.26 -16.55
CA PHE B 108 -23.76 -8.34 -16.26
C PHE B 108 -24.52 -8.69 -17.53
N VAL B 109 -24.46 -9.96 -17.92
CA VAL B 109 -25.05 -10.44 -19.15
C VAL B 109 -26.22 -11.35 -18.82
N VAL B 110 -27.32 -11.19 -19.54
CA VAL B 110 -28.55 -11.93 -19.29
C VAL B 110 -29.07 -12.49 -20.61
N ASP B 111 -29.45 -13.76 -20.60
CA ASP B 111 -30.22 -14.37 -21.67
C ASP B 111 -31.66 -13.91 -21.53
N SER B 112 -32.04 -12.91 -22.31
CA SER B 112 -33.38 -12.35 -22.27
C SER B 112 -34.39 -13.14 -23.09
N SER B 113 -34.07 -14.38 -23.46
CA SER B 113 -34.97 -15.20 -24.25
C SER B 113 -35.35 -16.52 -23.61
N ASP B 114 -34.70 -16.90 -22.51
CA ASP B 114 -35.01 -18.16 -21.82
C ASP B 114 -35.79 -17.80 -20.56
N TYR B 115 -37.11 -17.74 -20.71
CA TYR B 115 -37.96 -17.17 -19.66
C TYR B 115 -37.97 -18.03 -18.41
N ASN B 116 -37.62 -19.31 -18.52
CA ASN B 116 -37.58 -20.19 -17.36
C ASN B 116 -36.57 -19.71 -16.32
N ARG B 117 -35.56 -18.93 -16.72
CA ARG B 117 -34.47 -18.57 -15.83
C ARG B 117 -34.26 -17.07 -15.70
N LEU B 118 -35.18 -16.23 -16.17
CA LEU B 118 -35.06 -14.81 -15.91
C LEU B 118 -35.17 -14.50 -14.42
N GLN B 119 -35.93 -15.30 -13.68
CA GLN B 119 -36.00 -15.09 -12.24
C GLN B 119 -34.64 -15.29 -11.60
N GLU B 120 -33.92 -16.33 -12.01
CA GLU B 120 -32.55 -16.51 -11.53
C GLU B 120 -31.68 -15.33 -11.91
N ALA B 121 -31.84 -14.83 -13.14
CA ALA B 121 -31.09 -13.65 -13.56
C ALA B 121 -31.43 -12.45 -12.69
N LEU B 122 -32.69 -12.34 -12.26
CA LEU B 122 -33.09 -11.20 -11.44
C LEU B 122 -32.61 -11.33 -10.01
N ASN B 123 -32.58 -12.54 -9.45
CA ASN B 123 -32.00 -12.72 -8.13
C ASN B 123 -30.49 -12.69 -8.16
N ASP B 124 -29.87 -13.16 -9.24
CA ASP B 124 -28.43 -13.01 -9.39
C ASP B 124 -28.03 -11.55 -9.48
N PHE B 125 -28.81 -10.76 -10.24
CA PHE B 125 -28.52 -9.33 -10.36
C PHE B 125 -28.80 -8.60 -9.06
N LYS B 126 -29.82 -9.02 -8.30
CA LYS B 126 -30.15 -8.37 -7.05
C LYS B 126 -29.07 -8.60 -6.00
N SER B 127 -28.50 -9.81 -5.95
CA SER B 127 -27.43 -10.09 -5.01
C SER B 127 -26.21 -9.22 -5.30
N ILE B 128 -25.89 -9.05 -6.58
CA ILE B 128 -24.76 -8.22 -6.97
C ILE B 128 -25.01 -6.77 -6.64
N TRP B 129 -26.21 -6.28 -6.97
CA TRP B 129 -26.50 -4.87 -6.79
C TRP B 129 -26.45 -4.47 -5.33
N ASN B 130 -27.00 -5.29 -4.44
CA ASN B 130 -27.11 -4.96 -3.03
C ASN B 130 -25.95 -5.53 -2.22
N ASN B 131 -24.90 -6.01 -2.87
CA ASN B 131 -23.76 -6.55 -2.16
C ASN B 131 -23.02 -5.43 -1.43
N ARG B 132 -22.51 -5.76 -0.24
CA ARG B 132 -21.95 -4.75 0.63
C ARG B 132 -20.67 -4.13 0.07
N TRP B 133 -19.89 -4.90 -0.67
CA TRP B 133 -18.63 -4.40 -1.22
C TRP B 133 -18.78 -3.85 -2.63
N LEU B 134 -19.97 -3.91 -3.22
CA LEU B 134 -20.23 -3.37 -4.54
C LEU B 134 -21.20 -2.20 -4.49
N ARG B 135 -21.17 -1.44 -3.40
CA ARG B 135 -22.10 -0.33 -3.22
C ARG B 135 -21.81 0.84 -4.12
N THR B 136 -20.57 0.98 -4.61
CA THR B 136 -20.19 2.09 -5.47
C THR B 136 -19.73 1.64 -6.84
N ILE B 137 -20.04 0.40 -7.23
CA ILE B 137 -19.67 -0.12 -8.53
C ILE B 137 -20.90 -0.14 -9.42
N SER B 138 -20.78 0.47 -10.59
CA SER B 138 -21.88 0.49 -11.55
C SER B 138 -21.90 -0.80 -12.37
N VAL B 139 -23.06 -1.07 -12.96
CA VAL B 139 -23.30 -2.28 -13.72
C VAL B 139 -23.74 -1.89 -15.12
N ILE B 140 -23.07 -2.43 -16.13
CA ILE B 140 -23.50 -2.33 -17.52
C ILE B 140 -24.23 -3.62 -17.86
N LEU B 141 -25.51 -3.49 -18.21
CA LEU B 141 -26.40 -4.63 -18.37
C LEU B 141 -26.62 -4.89 -19.85
N PHE B 142 -26.10 -6.02 -20.34
CA PHE B 142 -26.35 -6.46 -21.70
C PHE B 142 -27.42 -7.54 -21.66
N LEU B 143 -28.38 -7.45 -22.57
CA LEU B 143 -29.44 -8.44 -22.70
C LEU B 143 -29.19 -9.17 -24.02
N ASN B 144 -28.36 -10.21 -23.99
CA ASN B 144 -28.12 -10.93 -25.23
C ASN B 144 -29.38 -11.64 -25.72
N LYS B 145 -29.30 -12.07 -26.98
CA LYS B 145 -30.33 -12.87 -27.62
C LYS B 145 -31.65 -12.12 -27.71
N GLN B 146 -31.57 -10.85 -28.13
CA GLN B 146 -32.76 -10.13 -28.53
C GLN B 146 -33.22 -10.50 -29.92
N ASP B 147 -32.38 -11.22 -30.69
CA ASP B 147 -32.84 -11.87 -31.90
C ASP B 147 -33.60 -13.15 -31.60
N LEU B 148 -33.28 -13.81 -30.49
CA LEU B 148 -34.02 -14.99 -30.05
C LEU B 148 -35.23 -14.63 -29.20
N LEU B 149 -35.23 -13.44 -28.57
CA LEU B 149 -36.44 -12.95 -27.93
C LEU B 149 -37.49 -12.53 -28.94
N ALA B 150 -37.05 -12.11 -30.14
CA ALA B 150 -37.99 -11.71 -31.17
C ALA B 150 -38.74 -12.92 -31.74
N GLU B 151 -38.04 -14.05 -31.89
CA GLU B 151 -38.70 -15.25 -32.39
C GLU B 151 -39.67 -15.82 -31.37
N LYS B 152 -39.33 -15.74 -30.08
CA LYS B 152 -40.19 -16.29 -29.05
C LYS B 152 -41.45 -15.45 -28.81
N VAL B 153 -41.55 -14.26 -29.41
CA VAL B 153 -42.70 -13.41 -29.21
C VAL B 153 -43.55 -13.27 -30.47
N LEU B 154 -42.96 -13.37 -31.66
CA LEU B 154 -43.76 -13.41 -32.87
C LEU B 154 -44.43 -14.76 -33.06
N ALA B 155 -43.73 -15.85 -32.71
CA ALA B 155 -44.31 -17.17 -32.82
C ALA B 155 -45.51 -17.33 -31.88
N GLY B 156 -45.39 -16.82 -30.65
CA GLY B 156 -46.47 -16.87 -29.69
C GLY B 156 -46.63 -18.17 -28.96
N LYS B 157 -45.77 -19.16 -29.21
CA LYS B 157 -45.90 -20.44 -28.53
C LYS B 157 -45.67 -20.30 -27.02
N SER B 158 -44.65 -19.53 -26.63
CA SER B 158 -44.31 -19.31 -25.23
C SER B 158 -44.58 -17.86 -24.87
N LYS B 159 -45.25 -17.64 -23.75
CA LYS B 159 -45.67 -16.32 -23.33
C LYS B 159 -45.01 -15.94 -22.01
N ILE B 160 -44.77 -14.64 -21.85
CA ILE B 160 -44.24 -14.13 -20.58
C ILE B 160 -45.23 -14.36 -19.46
N GLU B 161 -46.53 -14.22 -19.75
CA GLU B 161 -47.54 -14.13 -18.70
C GLU B 161 -47.59 -15.38 -17.84
N ASP B 162 -47.18 -16.53 -18.38
CA ASP B 162 -47.12 -17.73 -17.55
C ASP B 162 -46.11 -17.58 -16.43
N TYR B 163 -44.93 -17.05 -16.75
CA TYR B 163 -43.86 -16.92 -15.77
C TYR B 163 -43.93 -15.61 -14.99
N PHE B 164 -44.47 -14.56 -15.59
CA PHE B 164 -44.60 -13.26 -14.95
C PHE B 164 -46.06 -12.80 -15.08
N PRO B 165 -46.84 -12.88 -14.01
CA PRO B 165 -48.25 -12.48 -14.11
C PRO B 165 -48.45 -11.03 -14.46
N GLU B 166 -47.55 -10.14 -14.06
CA GLU B 166 -47.72 -8.70 -14.25
C GLU B 166 -47.57 -8.27 -15.70
N PHE B 167 -47.41 -9.18 -16.66
CA PHE B 167 -47.19 -8.78 -18.05
C PHE B 167 -48.47 -8.29 -18.72
N ALA B 168 -49.61 -8.92 -18.41
CA ALA B 168 -50.85 -8.58 -19.09
C ALA B 168 -51.31 -7.16 -18.78
N ARG B 169 -50.90 -6.61 -17.65
CA ARG B 169 -51.29 -5.28 -17.25
C ARG B 169 -50.26 -4.21 -17.60
N TYR B 170 -49.20 -4.57 -18.32
CA TYR B 170 -48.12 -3.65 -18.66
C TYR B 170 -48.29 -3.15 -20.08
N THR B 171 -47.98 -1.87 -20.29
CA THR B 171 -48.08 -1.25 -21.59
C THR B 171 -46.83 -0.43 -21.88
N THR B 172 -46.37 -0.49 -23.12
CA THR B 172 -45.19 0.27 -23.52
C THR B 172 -45.43 1.76 -23.28
N PRO B 173 -44.52 2.46 -22.62
CA PRO B 173 -44.74 3.88 -22.34
C PRO B 173 -44.90 4.68 -23.62
N GLU B 174 -45.81 5.66 -23.58
CA GLU B 174 -46.06 6.50 -24.75
C GLU B 174 -44.83 7.31 -25.11
N ASP B 175 -44.13 7.85 -24.10
CA ASP B 175 -42.93 8.62 -24.36
C ASP B 175 -41.83 7.75 -24.95
N ALA B 176 -41.69 6.53 -24.45
CA ALA B 176 -40.64 5.62 -24.92
C ALA B 176 -41.12 4.94 -26.19
N THR B 177 -40.75 5.50 -27.32
CA THR B 177 -41.06 4.91 -28.64
C THR B 177 -39.81 4.87 -29.50
N PRO B 178 -38.68 4.42 -28.95
CA PRO B 178 -37.42 4.38 -29.72
C PRO B 178 -37.19 3.12 -30.54
N GLU B 179 -38.21 2.29 -30.73
CA GLU B 179 -38.02 1.04 -31.46
C GLU B 179 -37.96 1.30 -32.96
N PRO B 180 -36.78 1.20 -33.57
CA PRO B 180 -36.69 1.42 -35.02
C PRO B 180 -36.96 0.16 -35.83
N GLY B 181 -38.02 0.18 -36.65
CA GLY B 181 -38.27 -0.90 -37.59
C GLY B 181 -38.44 -2.27 -36.99
N GLU B 182 -39.18 -2.38 -35.89
CA GLU B 182 -39.42 -3.67 -35.26
C GLU B 182 -40.88 -3.77 -34.84
N ASP B 183 -41.35 -5.01 -34.69
CA ASP B 183 -42.76 -5.25 -34.44
C ASP B 183 -43.18 -4.69 -33.08
N PRO B 184 -44.42 -4.19 -32.97
CA PRO B 184 -44.87 -3.65 -31.67
C PRO B 184 -44.93 -4.70 -30.57
N ARG B 185 -45.20 -5.96 -30.91
CA ARG B 185 -45.27 -7.00 -29.89
C ARG B 185 -43.90 -7.25 -29.27
N VAL B 186 -42.84 -7.15 -30.07
CA VAL B 186 -41.49 -7.38 -29.56
C VAL B 186 -41.10 -6.27 -28.61
N THR B 187 -41.48 -5.03 -28.92
CA THR B 187 -41.00 -3.89 -28.13
C THR B 187 -41.60 -3.87 -26.73
N ARG B 188 -42.81 -4.41 -26.57
CA ARG B 188 -43.41 -4.45 -25.23
C ARG B 188 -42.70 -5.48 -24.36
N ALA B 189 -42.46 -6.68 -24.87
CA ALA B 189 -41.74 -7.70 -24.11
C ALA B 189 -40.29 -7.29 -23.91
N LYS B 190 -39.71 -6.63 -24.90
CA LYS B 190 -38.33 -6.17 -24.81
C LYS B 190 -38.19 -5.10 -23.74
N TYR B 191 -39.18 -4.22 -23.60
CA TYR B 191 -39.11 -3.18 -22.60
C TYR B 191 -39.57 -3.65 -21.23
N PHE B 192 -40.41 -4.68 -21.18
CA PHE B 192 -40.83 -5.22 -19.89
C PHE B 192 -39.69 -5.95 -19.21
N ILE B 193 -38.89 -6.71 -19.97
CA ILE B 193 -37.76 -7.43 -19.39
C ILE B 193 -36.74 -6.44 -18.83
N ARG B 194 -36.50 -5.35 -19.55
CA ARG B 194 -35.56 -4.33 -19.08
C ARG B 194 -36.01 -3.71 -17.76
N LYS B 195 -37.31 -3.43 -17.63
CA LYS B 195 -37.82 -2.79 -16.43
C LYS B 195 -37.62 -3.68 -15.21
N GLU B 196 -37.76 -5.00 -15.38
CA GLU B 196 -37.56 -5.93 -14.28
C GLU B 196 -36.16 -5.84 -13.68
N PHE B 197 -35.19 -5.34 -14.44
CA PHE B 197 -33.84 -5.13 -13.94
C PHE B 197 -33.59 -3.70 -13.48
N VAL B 198 -34.20 -2.73 -14.15
CA VAL B 198 -34.02 -1.33 -13.75
C VAL B 198 -34.72 -1.07 -12.43
N ASP B 199 -35.89 -1.68 -12.21
CA ASP B 199 -36.62 -1.42 -10.97
C ASP B 199 -35.89 -2.02 -9.77
N ILE B 200 -35.13 -3.10 -9.96
CA ILE B 200 -34.24 -3.57 -8.92
C ILE B 200 -33.16 -2.54 -8.64
N SER B 201 -32.58 -1.97 -9.70
CA SER B 201 -31.52 -1.00 -9.54
C SER B 201 -32.03 0.29 -8.91
N THR B 202 -33.21 0.75 -9.32
CA THR B 202 -33.75 2.00 -8.80
C THR B 202 -34.20 1.88 -7.36
N ALA B 203 -34.49 0.67 -6.89
CA ALA B 203 -35.04 0.48 -5.55
C ALA B 203 -34.10 0.98 -4.46
N SER B 204 -32.92 0.36 -4.33
CA SER B 204 -31.96 0.73 -3.30
C SER B 204 -30.58 0.89 -3.96
N GLY B 205 -30.34 2.07 -4.51
CA GLY B 205 -29.03 2.42 -5.03
C GLY B 205 -28.53 3.73 -4.49
N ASP B 206 -29.44 4.56 -3.98
CA ASP B 206 -29.17 5.88 -3.41
C ASP B 206 -28.48 6.83 -4.38
N GLY B 207 -28.36 6.45 -5.65
CA GLY B 207 -27.69 7.28 -6.62
C GLY B 207 -26.18 7.18 -6.62
N ARG B 208 -25.60 6.40 -5.71
CA ARG B 208 -24.14 6.25 -5.65
C ARG B 208 -23.59 5.36 -6.74
N HIS B 209 -24.44 4.65 -7.48
CA HIS B 209 -24.01 3.85 -8.62
C HIS B 209 -25.22 3.61 -9.52
N ILE B 210 -24.94 3.41 -10.81
CA ILE B 210 -25.95 3.44 -11.86
C ILE B 210 -25.91 2.14 -12.65
N CYS B 211 -27.06 1.74 -13.18
CA CYS B 211 -27.19 0.58 -14.06
C CYS B 211 -27.46 1.06 -15.48
N TYR B 212 -26.59 0.69 -16.41
CA TYR B 212 -26.72 1.10 -17.80
C TYR B 212 -27.23 -0.07 -18.63
N PRO B 213 -28.48 -0.04 -19.11
CA PRO B 213 -28.99 -1.18 -19.86
C PRO B 213 -28.83 -1.06 -21.38
N HIS B 214 -28.60 -2.20 -22.03
CA HIS B 214 -28.44 -2.28 -23.48
C HIS B 214 -29.04 -3.59 -23.97
N PHE B 215 -29.24 -3.67 -25.28
CA PHE B 215 -29.72 -4.88 -25.94
C PHE B 215 -28.71 -5.30 -27.00
N THR B 216 -28.36 -6.58 -27.02
CA THR B 216 -27.39 -7.11 -27.97
C THR B 216 -27.86 -8.48 -28.42
N CYS B 217 -27.47 -8.91 -29.63
CA CYS B 217 -27.97 -10.19 -30.05
C CYS B 217 -27.00 -11.33 -29.81
N ALA B 218 -26.02 -11.48 -30.69
CA ALA B 218 -24.81 -12.24 -30.43
C ALA B 218 -23.67 -11.64 -31.26
N VAL B 219 -24.04 -10.87 -32.26
CA VAL B 219 -23.13 -10.41 -33.31
C VAL B 219 -23.14 -8.90 -33.44
N ASP B 220 -23.60 -8.20 -32.41
CA ASP B 220 -23.53 -6.74 -32.38
C ASP B 220 -22.08 -6.34 -32.16
N THR B 221 -21.52 -5.58 -33.10
CA THR B 221 -20.13 -5.19 -33.05
C THR B 221 -19.91 -3.83 -32.40
N GLU B 222 -20.95 -3.25 -31.82
CA GLU B 222 -20.86 -1.97 -31.12
C GLU B 222 -20.60 -2.12 -29.64
N ASN B 223 -20.39 -3.34 -29.14
CA ASN B 223 -20.34 -3.57 -27.72
C ASN B 223 -19.13 -2.93 -27.04
N ALA B 224 -18.07 -2.64 -27.80
CA ALA B 224 -16.94 -1.93 -27.22
C ALA B 224 -17.29 -0.45 -27.02
N ARG B 225 -17.96 0.14 -28.01
CA ARG B 225 -18.37 1.54 -27.89
C ARG B 225 -19.34 1.71 -26.71
N ARG B 226 -20.22 0.74 -26.50
CA ARG B 226 -21.22 0.86 -25.45
C ARG B 226 -20.58 0.82 -24.06
N ILE B 227 -19.65 -0.10 -23.82
CA ILE B 227 -18.93 -0.11 -22.55
C ILE B 227 -18.17 1.19 -22.39
N PHE B 228 -17.56 1.69 -23.47
CA PHE B 228 -16.79 2.92 -23.41
C PHE B 228 -17.67 4.10 -23.04
N ASN B 229 -18.78 4.27 -23.75
CA ASN B 229 -19.69 5.38 -23.45
C ASN B 229 -20.21 5.29 -22.02
N ASP B 230 -20.46 4.07 -21.53
CA ASP B 230 -20.94 3.92 -20.16
C ASP B 230 -19.82 4.10 -19.15
N CYS B 231 -18.60 3.70 -19.48
CA CYS B 231 -17.49 3.93 -18.56
C CYS B 231 -17.10 5.40 -18.50
N LYS B 232 -17.24 6.13 -19.62
CA LYS B 232 -17.03 7.57 -19.58
C LYS B 232 -18.04 8.27 -18.69
N ASP B 233 -19.27 7.77 -18.65
CA ASP B 233 -20.27 8.30 -17.73
C ASP B 233 -19.96 7.93 -16.29
N ILE B 234 -19.33 6.78 -16.08
CA ILE B 234 -18.96 6.38 -14.72
C ILE B 234 -17.83 7.25 -14.20
N ILE B 235 -16.86 7.56 -15.06
CA ILE B 235 -15.76 8.42 -14.64
C ILE B 235 -16.23 9.85 -14.43
N LEU B 236 -17.19 10.31 -15.23
CA LEU B 236 -17.74 11.66 -15.03
C LEU B 236 -18.40 11.79 -13.67
N GLN B 237 -19.18 10.78 -13.27
CA GLN B 237 -19.86 10.85 -11.97
C GLN B 237 -18.88 10.75 -10.81
N MET B 238 -17.81 9.97 -10.98
CA MET B 238 -16.76 9.91 -9.98
C MET B 238 -16.05 11.25 -9.86
N ASN B 239 -15.82 11.91 -10.99
CA ASN B 239 -15.17 13.22 -10.96
C ASN B 239 -16.09 14.29 -10.39
N LEU B 240 -17.39 14.19 -10.64
CA LEU B 240 -18.33 15.14 -10.07
C LEU B 240 -18.40 15.01 -8.55
N ARG B 241 -18.31 13.78 -8.04
CA ARG B 241 -18.34 13.56 -6.60
C ARG B 241 -17.03 13.93 -5.93
N GLU B 242 -15.93 13.98 -6.67
CA GLU B 242 -14.67 14.47 -6.12
C GLU B 242 -14.75 15.95 -5.78
N TYR B 243 -15.57 16.70 -6.51
CA TYR B 243 -15.69 18.14 -6.35
C TYR B 243 -17.01 18.55 -5.71
N ASN B 244 -17.72 17.60 -5.08
CA ASN B 244 -18.94 17.88 -4.33
C ASN B 244 -20.00 18.55 -5.19
N LEU B 245 -20.11 18.11 -6.44
CA LEU B 245 -21.16 18.62 -7.32
C LEU B 245 -22.31 17.64 -7.48
N VAL B 246 -22.11 16.37 -7.17
CA VAL B 246 -23.18 15.38 -7.27
C VAL B 246 -23.13 14.45 -6.06
N GLU C 8 -30.35 -47.86 5.12
CA GLU C 8 -31.12 -46.94 4.28
C GLU C 8 -30.66 -45.51 4.48
N LEU C 9 -30.84 -44.68 3.45
CA LEU C 9 -30.42 -43.28 3.52
C LEU C 9 -31.10 -42.56 4.68
N ASP C 10 -32.35 -42.90 4.97
CA ASP C 10 -33.02 -42.33 6.13
C ASP C 10 -32.56 -42.99 7.42
N GLN C 11 -32.25 -44.28 7.38
CA GLN C 11 -31.84 -44.99 8.58
C GLN C 11 -30.51 -44.44 9.10
N LEU C 12 -29.56 -44.19 8.20
CA LEU C 12 -28.29 -43.62 8.62
C LEU C 12 -28.40 -42.14 8.95
N ARG C 13 -29.43 -41.47 8.44
CA ARG C 13 -29.63 -40.06 8.78
C ARG C 13 -29.93 -39.89 10.26
N GLN C 14 -30.72 -40.80 10.83
CA GLN C 14 -30.98 -40.76 12.27
C GLN C 14 -29.72 -41.11 13.06
N GLU C 15 -28.87 -41.97 12.51
CA GLU C 15 -27.63 -42.33 13.20
C GLU C 15 -26.70 -41.13 13.33
N ALA C 16 -26.81 -40.16 12.42
CA ALA C 16 -26.01 -38.95 12.53
C ALA C 16 -26.51 -38.06 13.66
N GLU C 17 -27.83 -37.92 13.80
CA GLU C 17 -28.38 -37.09 14.87
C GLU C 17 -28.27 -37.76 16.23
N GLN C 18 -28.28 -39.10 16.27
CA GLN C 18 -28.09 -39.80 17.53
C GLN C 18 -26.72 -39.51 18.13
N LEU C 19 -25.68 -39.55 17.29
CA LEU C 19 -24.34 -39.23 17.75
C LEU C 19 -24.14 -37.75 17.99
N LYS C 20 -24.91 -36.90 17.30
CA LYS C 20 -24.80 -35.46 17.53
C LYS C 20 -25.20 -35.10 18.96
N ASN C 21 -26.25 -35.73 19.46
CA ASN C 21 -26.63 -35.54 20.86
C ASN C 21 -25.73 -36.30 21.81
N GLN C 22 -25.02 -37.32 21.33
CA GLN C 22 -24.07 -38.04 22.17
C GLN C 22 -22.77 -37.24 22.32
N ILE C 23 -22.36 -36.53 21.28
CA ILE C 23 -21.24 -35.60 21.40
C ILE C 23 -21.61 -34.44 22.31
N ARG C 24 -22.78 -33.84 22.08
CA ARG C 24 -23.22 -32.73 22.92
C ARG C 24 -23.48 -33.17 24.35
N ASP C 25 -23.68 -34.46 24.58
CA ASP C 25 -23.80 -34.95 25.95
C ASP C 25 -22.45 -34.98 26.64
N ALA C 26 -21.39 -35.38 25.93
CA ALA C 26 -20.06 -35.37 26.53
C ALA C 26 -19.54 -33.96 26.74
N ARG C 27 -19.85 -33.04 25.83
CA ARG C 27 -19.43 -31.66 25.99
C ARG C 27 -20.07 -31.00 27.21
N LYS C 28 -21.35 -31.26 27.43
CA LYS C 28 -22.02 -30.69 28.61
C LYS C 28 -21.58 -31.37 29.90
N ALA C 29 -21.12 -32.62 29.82
CA ALA C 29 -20.61 -33.29 31.01
C ALA C 29 -19.27 -32.70 31.44
N CYS C 30 -18.47 -32.23 30.50
CA CYS C 30 -17.15 -31.67 30.80
C CYS C 30 -17.17 -30.16 31.00
N ALA C 31 -18.33 -29.52 30.94
CA ALA C 31 -18.43 -28.07 31.15
C ALA C 31 -18.85 -27.79 32.58
N ASP C 32 -17.93 -28.07 33.51
CA ASP C 32 -18.25 -27.91 34.93
C ASP C 32 -18.37 -26.43 35.29
N ALA C 33 -17.41 -25.61 34.89
CA ALA C 33 -17.44 -24.19 35.15
C ALA C 33 -17.10 -23.43 33.88
N THR C 34 -16.83 -22.13 33.98
CA THR C 34 -16.53 -21.31 32.82
C THR C 34 -15.24 -20.55 33.02
N LEU C 35 -14.61 -20.17 31.91
CA LEU C 35 -13.38 -19.40 31.97
C LEU C 35 -13.61 -18.02 32.58
N SER C 36 -14.82 -17.48 32.43
CA SER C 36 -15.13 -16.19 33.04
C SER C 36 -15.23 -16.28 34.56
N GLN C 37 -15.61 -17.46 35.08
CA GLN C 37 -15.66 -17.64 36.52
C GLN C 37 -14.27 -17.72 37.12
N ILE C 38 -13.38 -18.50 36.51
CA ILE C 38 -12.07 -18.72 37.10
C ILE C 38 -11.22 -17.46 37.02
N THR C 39 -11.28 -16.74 35.91
CA THR C 39 -10.48 -15.54 35.72
C THR C 39 -11.14 -14.29 36.28
N ASN C 40 -12.06 -14.44 37.24
CA ASN C 40 -12.65 -13.26 37.86
C ASN C 40 -11.67 -12.60 38.82
N ASN C 41 -10.96 -13.40 39.61
CA ASN C 41 -10.01 -12.87 40.60
C ASN C 41 -8.61 -12.77 40.02
N ILE C 42 -8.47 -12.13 38.87
CA ILE C 42 -7.17 -11.84 38.29
C ILE C 42 -7.14 -10.38 37.86
N ASP C 43 -5.94 -9.81 37.84
CA ASP C 43 -5.79 -8.39 37.62
C ASP C 43 -5.99 -8.05 36.14
N PRO C 44 -6.84 -7.09 35.81
CA PRO C 44 -6.97 -6.66 34.42
C PRO C 44 -5.70 -6.00 33.92
N VAL C 45 -5.53 -6.04 32.59
CA VAL C 45 -4.33 -5.49 31.97
C VAL C 45 -4.34 -3.97 31.95
N GLY C 46 -5.51 -3.35 32.03
CA GLY C 46 -5.59 -1.90 31.97
C GLY C 46 -5.88 -1.41 30.57
N ARG C 47 -5.33 -0.26 30.21
CA ARG C 47 -5.52 0.31 28.88
C ARG C 47 -4.23 0.14 28.10
N ILE C 48 -4.32 -0.50 26.94
CA ILE C 48 -3.16 -0.76 26.10
C ILE C 48 -3.05 0.37 25.09
N GLN C 49 -2.03 1.20 25.25
CA GLN C 49 -1.79 2.34 24.38
C GLN C 49 -0.59 2.01 23.50
N MET C 50 -0.86 1.62 22.26
CA MET C 50 0.17 1.38 21.27
C MET C 50 0.20 2.53 20.27
N ARG C 51 1.39 2.83 19.76
CA ARG C 51 1.58 3.92 18.83
C ARG C 51 2.22 3.41 17.55
N THR C 52 1.80 3.98 16.43
CA THR C 52 2.36 3.65 15.13
C THR C 52 3.84 4.02 15.08
N ARG C 53 4.71 3.02 15.05
CA ARG C 53 6.14 3.27 14.98
C ARG C 53 6.66 3.33 13.56
N ARG C 54 6.00 2.65 12.63
CA ARG C 54 6.42 2.63 11.24
C ARG C 54 5.21 2.71 10.34
N THR C 55 5.38 3.35 9.19
CA THR C 55 4.40 3.32 8.11
C THR C 55 5.14 2.94 6.84
N LEU C 56 4.87 1.74 6.34
CA LEU C 56 5.51 1.26 5.13
C LEU C 56 4.68 1.67 3.92
N ARG C 57 5.30 2.42 3.00
CA ARG C 57 4.62 2.94 1.83
C ARG C 57 5.24 2.36 0.57
N GLY C 58 4.41 2.22 -0.46
CA GLY C 58 4.88 1.71 -1.73
C GLY C 58 3.90 0.83 -2.46
N HIS C 59 2.91 0.30 -1.74
CA HIS C 59 1.86 -0.47 -2.39
C HIS C 59 0.84 0.48 -2.98
N LEU C 60 0.55 0.32 -4.27
CA LEU C 60 -0.35 1.19 -4.99
C LEU C 60 -1.75 0.62 -5.09
N ALA C 61 -2.06 -0.38 -4.27
CA ALA C 61 -3.38 -1.00 -4.26
C ALA C 61 -3.58 -1.63 -2.90
N LYS C 62 -4.79 -2.14 -2.67
CA LYS C 62 -5.16 -2.65 -1.37
C LYS C 62 -4.37 -3.90 -1.01
N ILE C 63 -4.09 -4.05 0.28
CA ILE C 63 -3.26 -5.13 0.81
C ILE C 63 -4.17 -6.21 1.37
N TYR C 64 -3.98 -7.44 0.92
CA TYR C 64 -4.74 -8.57 1.44
C TYR C 64 -4.01 -9.40 2.49
N ALA C 65 -2.69 -9.48 2.46
CA ALA C 65 -2.01 -10.38 3.37
C ALA C 65 -0.62 -9.85 3.70
N MET C 66 -0.20 -10.13 4.92
CA MET C 66 1.18 -9.95 5.33
C MET C 66 1.58 -11.12 6.20
N HIS C 67 2.87 -11.42 6.21
CA HIS C 67 3.42 -12.42 7.13
C HIS C 67 4.77 -11.97 7.64
N TRP C 68 5.02 -12.23 8.92
CA TRP C 68 6.29 -11.91 9.55
C TRP C 68 7.29 -13.04 9.31
N GLY C 69 8.56 -12.66 9.22
CA GLY C 69 9.61 -13.65 9.26
C GLY C 69 9.90 -14.10 10.67
N THR C 70 10.65 -15.19 10.78
CA THR C 70 10.98 -15.72 12.09
C THR C 70 12.08 -14.92 12.79
N ASP C 71 12.80 -14.08 12.06
CA ASP C 71 13.75 -13.17 12.69
C ASP C 71 13.06 -11.93 13.26
N SER C 72 11.76 -11.77 13.01
CA SER C 72 10.97 -10.68 13.56
C SER C 72 11.40 -9.31 13.06
N ARG C 73 12.05 -9.28 11.93
CA ARG C 73 12.45 -8.02 11.31
C ARG C 73 11.99 -7.94 9.87
N LEU C 74 11.98 -9.04 9.15
CA LEU C 74 11.54 -9.09 7.76
C LEU C 74 10.09 -9.54 7.69
N LEU C 75 9.31 -8.87 6.86
CA LEU C 75 7.93 -9.27 6.61
C LEU C 75 7.63 -9.18 5.13
N VAL C 76 6.70 -10.00 4.67
CA VAL C 76 6.25 -9.99 3.29
C VAL C 76 4.83 -9.46 3.25
N SER C 77 4.50 -8.75 2.17
CA SER C 77 3.17 -8.19 2.01
C SER C 77 2.70 -8.39 0.58
N ALA C 78 1.41 -8.69 0.44
CA ALA C 78 0.78 -8.94 -0.85
C ALA C 78 -0.25 -7.86 -1.14
N SER C 79 -0.32 -7.44 -2.40
CA SER C 79 -1.23 -6.38 -2.80
C SER C 79 -1.83 -6.71 -4.16
N GLN C 80 -2.99 -6.10 -4.43
CA GLN C 80 -3.68 -6.29 -5.70
C GLN C 80 -2.97 -5.62 -6.86
N ASP C 81 -1.96 -4.80 -6.59
CA ASP C 81 -1.14 -4.24 -7.67
C ASP C 81 -0.32 -5.31 -8.36
N GLY C 82 -0.25 -6.51 -7.80
CA GLY C 82 0.47 -7.61 -8.40
C GLY C 82 1.87 -7.83 -7.90
N LYS C 83 2.20 -7.38 -6.71
CA LYS C 83 3.58 -7.43 -6.25
C LYS C 83 3.68 -7.84 -4.78
N LEU C 84 4.64 -8.72 -4.50
CA LEU C 84 5.07 -9.00 -3.15
C LEU C 84 6.24 -8.08 -2.81
N ILE C 85 6.13 -7.36 -1.70
CA ILE C 85 7.20 -6.53 -1.19
C ILE C 85 7.69 -7.17 0.10
N ILE C 86 9.02 -7.24 0.25
CA ILE C 86 9.64 -7.67 1.49
C ILE C 86 10.29 -6.45 2.13
N TRP C 87 9.84 -6.10 3.33
CA TRP C 87 10.27 -4.90 4.00
C TRP C 87 11.28 -5.23 5.10
N ASP C 88 12.19 -4.30 5.33
CA ASP C 88 13.04 -4.31 6.52
C ASP C 88 12.38 -3.38 7.51
N SER C 89 11.59 -3.95 8.42
CA SER C 89 10.71 -3.16 9.27
C SER C 89 11.48 -2.14 10.11
N TYR C 90 12.70 -2.48 10.51
CA TYR C 90 13.47 -1.59 11.37
C TYR C 90 13.84 -0.30 10.64
N THR C 91 14.29 -0.43 9.40
CA THR C 91 14.73 0.72 8.62
C THR C 91 13.76 1.12 7.52
N THR C 92 12.61 0.46 7.41
CA THR C 92 11.56 0.74 6.44
C THR C 92 12.01 0.39 5.02
N ASN C 93 13.27 0.03 4.82
CA ASN C 93 13.79 -0.26 3.49
C ASN C 93 13.08 -1.45 2.86
N LYS C 94 12.92 -1.38 1.55
CA LYS C 94 12.42 -2.51 0.77
C LYS C 94 13.58 -3.42 0.38
N VAL C 95 13.47 -4.69 0.72
CA VAL C 95 14.48 -5.67 0.33
C VAL C 95 14.20 -6.23 -1.05
N HIS C 96 12.95 -6.58 -1.34
CA HIS C 96 12.59 -7.17 -2.61
C HIS C 96 11.21 -6.69 -3.04
N ALA C 97 11.02 -6.59 -4.35
CA ALA C 97 9.71 -6.38 -4.96
C ALA C 97 9.52 -7.46 -6.00
N ILE C 98 8.57 -8.36 -5.78
CA ILE C 98 8.41 -9.56 -6.58
C ILE C 98 7.15 -9.40 -7.43
N PRO C 99 7.26 -9.19 -8.73
CA PRO C 99 6.07 -9.17 -9.58
C PRO C 99 5.41 -10.54 -9.62
N LEU C 100 4.07 -10.53 -9.68
CA LEU C 100 3.29 -11.74 -9.67
C LEU C 100 2.63 -11.97 -11.02
N ARG C 101 2.50 -13.24 -11.40
CA ARG C 101 1.85 -13.57 -12.66
C ARG C 101 0.39 -13.15 -12.66
N SER C 102 -0.30 -13.32 -11.54
CA SER C 102 -1.69 -12.90 -11.40
C SER C 102 -1.79 -11.86 -10.31
N SER C 103 -2.56 -10.81 -10.59
CA SER C 103 -2.70 -9.69 -9.67
C SER C 103 -3.70 -9.94 -8.55
N TRP C 104 -4.47 -11.02 -8.63
CA TRP C 104 -5.56 -11.26 -7.68
C TRP C 104 -5.08 -12.15 -6.53
N VAL C 105 -4.05 -11.66 -5.85
CA VAL C 105 -3.48 -12.37 -4.72
C VAL C 105 -4.40 -12.24 -3.52
N MET C 106 -4.56 -13.33 -2.78
CA MET C 106 -5.34 -13.33 -1.56
C MET C 106 -4.54 -13.67 -0.32
N THR C 107 -3.36 -14.26 -0.46
CA THR C 107 -2.57 -14.69 0.69
C THR C 107 -1.09 -14.68 0.34
N CYS C 108 -0.26 -14.69 1.39
CA CYS C 108 1.18 -14.83 1.23
C CYS C 108 1.73 -15.49 2.49
N ALA C 109 2.91 -16.08 2.35
CA ALA C 109 3.54 -16.76 3.47
C ALA C 109 5.04 -16.57 3.40
N TYR C 110 5.69 -16.74 4.53
CA TYR C 110 7.14 -16.58 4.66
C TYR C 110 7.68 -17.86 5.26
N ALA C 111 8.63 -18.49 4.58
CA ALA C 111 9.20 -19.73 5.08
C ALA C 111 9.94 -19.46 6.39
N PRO C 112 9.90 -20.39 7.35
CA PRO C 112 10.64 -20.18 8.60
C PRO C 112 12.14 -20.01 8.39
N SER C 113 12.70 -20.69 7.40
CA SER C 113 14.13 -20.52 7.12
C SER C 113 14.43 -19.13 6.58
N GLY C 114 13.45 -18.47 5.97
CA GLY C 114 13.68 -17.23 5.28
C GLY C 114 14.09 -17.38 3.84
N ASN C 115 14.13 -18.61 3.33
CA ASN C 115 14.61 -18.85 1.99
C ASN C 115 13.52 -18.71 0.94
N TYR C 116 12.26 -18.86 1.32
CA TYR C 116 11.15 -18.90 0.38
C TYR C 116 10.00 -18.04 0.88
N VAL C 117 9.26 -17.47 -0.07
CA VAL C 117 7.95 -16.89 0.19
C VAL C 117 6.95 -17.54 -0.75
N ALA C 118 5.72 -17.63 -0.30
CA ALA C 118 4.63 -18.21 -1.08
C ALA C 118 3.56 -17.16 -1.32
N CYS C 119 2.66 -17.48 -2.24
CA CYS C 119 1.69 -16.53 -2.75
C CYS C 119 0.55 -17.32 -3.36
N GLY C 120 -0.60 -16.67 -3.50
CA GLY C 120 -1.76 -17.36 -4.04
C GLY C 120 -2.97 -16.47 -4.05
N GLY C 121 -3.95 -16.88 -4.85
CA GLY C 121 -5.17 -16.11 -5.03
C GLY C 121 -6.17 -16.76 -5.96
N LEU C 122 -6.76 -15.96 -6.85
CA LEU C 122 -7.84 -16.44 -7.70
C LEU C 122 -7.37 -17.35 -8.83
N ASP C 123 -6.07 -17.46 -9.07
CA ASP C 123 -5.54 -18.33 -10.10
C ASP C 123 -5.51 -19.79 -9.68
N ASN C 124 -5.84 -20.09 -8.43
CA ASN C 124 -5.89 -21.43 -7.86
C ASN C 124 -4.51 -22.08 -7.75
N ILE C 125 -3.45 -21.27 -7.78
CA ILE C 125 -2.08 -21.76 -7.82
C ILE C 125 -1.31 -21.16 -6.66
N CYS C 126 -0.65 -22.01 -5.88
CA CYS C 126 0.28 -21.55 -4.85
C CYS C 126 1.68 -21.50 -5.46
N SER C 127 2.23 -20.30 -5.56
CA SER C 127 3.50 -20.08 -6.25
C SER C 127 4.59 -19.88 -5.21
N ILE C 128 5.64 -20.69 -5.29
CA ILE C 128 6.77 -20.63 -4.38
C ILE C 128 7.89 -19.85 -5.06
N TYR C 129 8.47 -18.90 -4.33
CA TYR C 129 9.50 -18.02 -4.85
C TYR C 129 10.80 -18.25 -4.08
N ASN C 130 11.91 -18.29 -4.82
CA ASN C 130 13.23 -18.49 -4.23
C ASN C 130 13.83 -17.13 -3.92
N LEU C 131 13.98 -16.84 -2.63
CA LEU C 131 14.42 -15.52 -2.20
C LEU C 131 15.92 -15.32 -2.37
N LYS C 132 16.70 -16.30 -1.93
CA LYS C 132 18.14 -16.17 -1.90
C LYS C 132 18.75 -17.27 -2.79
N THR C 133 18.89 -16.92 -4.06
CA THR C 133 19.60 -17.71 -5.04
C THR C 133 20.69 -16.85 -5.67
N ARG C 134 21.52 -17.48 -6.49
CA ARG C 134 22.46 -16.73 -7.32
C ARG C 134 21.67 -16.00 -8.39
N GLU C 135 22.36 -15.29 -9.28
CA GLU C 135 21.73 -14.47 -10.30
C GLU C 135 21.06 -13.24 -9.69
N GLY C 136 21.05 -13.16 -8.37
CA GLY C 136 20.66 -11.95 -7.67
C GLY C 136 19.19 -11.62 -7.67
N ASN C 137 18.37 -12.29 -8.48
CA ASN C 137 16.95 -11.96 -8.60
C ASN C 137 16.12 -12.95 -7.79
N VAL C 138 14.79 -12.83 -7.91
CA VAL C 138 13.84 -13.73 -7.28
C VAL C 138 13.10 -14.48 -8.37
N ARG C 139 13.03 -15.80 -8.26
CA ARG C 139 12.46 -16.65 -9.28
C ARG C 139 11.38 -17.53 -8.70
N VAL C 140 10.44 -17.96 -9.54
CA VAL C 140 9.40 -18.90 -9.14
C VAL C 140 10.04 -20.27 -8.97
N SER C 141 10.07 -20.77 -7.74
CA SER C 141 10.62 -22.10 -7.51
C SER C 141 9.66 -23.18 -7.98
N ARG C 142 8.37 -23.02 -7.69
CA ARG C 142 7.39 -24.04 -8.03
C ARG C 142 6.01 -23.41 -8.09
N GLU C 143 5.17 -23.95 -8.97
CA GLU C 143 3.76 -23.58 -9.05
C GLU C 143 2.94 -24.82 -8.70
N LEU C 144 2.11 -24.70 -7.67
CA LEU C 144 1.38 -25.84 -7.13
C LEU C 144 -0.07 -25.77 -7.59
N ALA C 145 -0.38 -26.50 -8.65
CA ALA C 145 -1.74 -26.61 -9.18
C ALA C 145 -2.40 -27.87 -8.65
N GLY C 146 -3.73 -27.85 -8.58
CA GLY C 146 -4.46 -28.98 -8.06
C GLY C 146 -5.70 -28.61 -7.29
N HIS C 147 -5.79 -27.37 -6.82
CA HIS C 147 -7.00 -26.87 -6.21
C HIS C 147 -7.99 -26.47 -7.30
N THR C 148 -9.26 -26.77 -7.08
CA THR C 148 -10.32 -26.37 -8.00
C THR C 148 -11.01 -25.07 -7.56
N GLY C 149 -10.63 -24.51 -6.42
CA GLY C 149 -11.13 -23.24 -5.99
C GLY C 149 -10.00 -22.30 -5.62
N TYR C 150 -10.35 -21.05 -5.36
CA TYR C 150 -9.34 -20.03 -5.08
C TYR C 150 -8.57 -20.35 -3.80
N LEU C 151 -7.31 -19.95 -3.78
CA LEU C 151 -6.43 -20.19 -2.64
C LEU C 151 -6.66 -19.10 -1.60
N SER C 152 -6.98 -19.51 -0.38
CA SER C 152 -7.35 -18.59 0.69
C SER C 152 -6.20 -18.29 1.65
N CYS C 153 -5.43 -19.30 2.03
CA CYS C 153 -4.33 -19.13 2.96
C CYS C 153 -3.31 -20.23 2.73
N CYS C 154 -2.09 -19.97 3.17
CA CYS C 154 -1.02 -20.95 3.00
C CYS C 154 0.04 -20.71 4.06
N ARG C 155 0.64 -21.78 4.55
CA ARG C 155 1.67 -21.73 5.58
C ARG C 155 2.68 -22.84 5.36
N PHE C 156 3.96 -22.51 5.49
CA PHE C 156 5.01 -23.51 5.41
C PHE C 156 5.08 -24.31 6.69
N LEU C 157 5.31 -25.62 6.56
CA LEU C 157 5.74 -26.43 7.68
C LEU C 157 7.25 -26.53 7.72
N ASP C 158 7.87 -26.59 6.55
CA ASP C 158 9.31 -26.69 6.37
C ASP C 158 9.61 -26.00 5.04
N ASP C 159 10.83 -26.13 4.55
CA ASP C 159 11.14 -25.59 3.23
C ASP C 159 10.55 -26.43 2.12
N ASN C 160 10.11 -27.65 2.41
CA ASN C 160 9.64 -28.58 1.41
C ASN C 160 8.16 -28.92 1.54
N GLN C 161 7.54 -28.61 2.67
CA GLN C 161 6.14 -28.91 2.90
C GLN C 161 5.37 -27.62 3.15
N ILE C 162 4.27 -27.44 2.44
CA ILE C 162 3.37 -26.31 2.64
C ILE C 162 1.95 -26.84 2.76
N VAL C 163 1.11 -26.10 3.49
CA VAL C 163 -0.30 -26.43 3.65
C VAL C 163 -1.12 -25.29 3.08
N THR C 164 -2.09 -25.63 2.24
CA THR C 164 -2.90 -24.64 1.54
C THR C 164 -4.38 -24.93 1.77
N SER C 165 -5.14 -23.88 2.05
CA SER C 165 -6.59 -23.94 2.09
C SER C 165 -7.16 -23.30 0.83
N SER C 166 -8.41 -23.60 0.52
CA SER C 166 -8.98 -23.15 -0.73
C SER C 166 -10.48 -23.02 -0.62
N GLY C 167 -11.07 -22.33 -1.60
CA GLY C 167 -12.50 -22.22 -1.78
C GLY C 167 -13.13 -23.41 -2.47
N ASP C 168 -12.38 -24.51 -2.60
CA ASP C 168 -12.93 -25.77 -3.06
C ASP C 168 -13.32 -26.68 -1.91
N THR C 169 -13.47 -26.12 -0.71
CA THR C 169 -13.86 -26.83 0.51
C THR C 169 -12.83 -27.86 0.94
N THR C 170 -11.58 -27.75 0.47
CA THR C 170 -10.55 -28.70 0.82
C THR C 170 -9.27 -27.97 1.22
N CYS C 171 -8.47 -28.64 2.05
CA CYS C 171 -7.11 -28.24 2.36
C CYS C 171 -6.15 -29.32 1.87
N ALA C 172 -4.94 -28.93 1.53
CA ALA C 172 -3.97 -29.84 0.95
C ALA C 172 -2.62 -29.68 1.62
N LEU C 173 -1.86 -30.77 1.64
CA LEU C 173 -0.46 -30.77 2.06
C LEU C 173 0.38 -31.14 0.85
N TRP C 174 1.32 -30.27 0.49
CA TRP C 174 2.12 -30.43 -0.72
C TRP C 174 3.56 -30.74 -0.37
N ASP C 175 4.17 -31.63 -1.14
CA ASP C 175 5.63 -31.75 -1.20
C ASP C 175 6.09 -30.85 -2.34
N ILE C 176 6.87 -29.83 -2.00
CA ILE C 176 7.21 -28.81 -2.98
C ILE C 176 8.24 -29.33 -3.97
N GLU C 177 9.12 -30.25 -3.55
CA GLU C 177 10.10 -30.81 -4.48
C GLU C 177 9.41 -31.52 -5.64
N THR C 178 8.48 -32.42 -5.33
CA THR C 178 7.74 -33.11 -6.38
C THR C 178 6.68 -32.20 -7.00
N GLY C 179 5.97 -31.45 -6.18
CA GLY C 179 4.87 -30.63 -6.66
C GLY C 179 3.52 -31.29 -6.63
N GLN C 180 3.32 -32.27 -5.76
CA GLN C 180 2.09 -33.04 -5.71
C GLN C 180 1.50 -33.01 -4.30
N GLN C 181 0.18 -33.03 -4.24
CA GLN C 181 -0.53 -33.07 -2.97
C GLN C 181 -0.24 -34.39 -2.27
N THR C 182 0.46 -34.32 -1.13
CA THR C 182 0.68 -35.53 -0.34
C THR C 182 -0.61 -35.98 0.35
N THR C 183 -1.34 -35.05 0.95
CA THR C 183 -2.59 -35.34 1.64
C THR C 183 -3.62 -34.30 1.26
N THR C 184 -4.86 -34.75 1.06
CA THR C 184 -5.99 -33.86 0.84
C THR C 184 -6.96 -34.00 2.01
N PHE C 185 -7.31 -32.87 2.61
CA PHE C 185 -8.18 -32.84 3.78
C PHE C 185 -9.57 -32.41 3.35
N THR C 186 -10.55 -33.24 3.63
CA THR C 186 -11.93 -33.00 3.22
C THR C 186 -12.85 -33.07 4.43
N GLY C 187 -13.95 -32.35 4.36
CA GLY C 187 -14.89 -32.32 5.47
C GLY C 187 -15.60 -31.01 5.69
N HIS C 188 -15.04 -29.93 5.17
CA HIS C 188 -15.73 -28.64 5.18
C HIS C 188 -16.75 -28.60 4.05
N THR C 189 -17.91 -28.04 4.33
CA THR C 189 -18.96 -27.88 3.34
C THR C 189 -19.00 -26.49 2.73
N GLY C 190 -18.02 -25.64 3.05
CA GLY C 190 -17.98 -24.29 2.52
C GLY C 190 -16.56 -23.90 2.17
N ASP C 191 -16.43 -22.67 1.67
CA ASP C 191 -15.15 -22.13 1.26
C ASP C 191 -14.24 -22.00 2.48
N VAL C 192 -13.16 -22.77 2.52
CA VAL C 192 -12.21 -22.66 3.62
C VAL C 192 -11.48 -21.33 3.49
N MET C 193 -11.52 -20.52 4.54
CA MET C 193 -11.02 -19.15 4.47
C MET C 193 -9.69 -18.93 5.18
N SER C 194 -9.36 -19.75 6.18
CA SER C 194 -8.11 -19.53 6.88
C SER C 194 -7.66 -20.83 7.52
N LEU C 195 -6.36 -20.88 7.83
CA LEU C 195 -5.79 -21.97 8.62
C LEU C 195 -4.69 -21.40 9.50
N SER C 196 -4.37 -22.15 10.54
CA SER C 196 -3.29 -21.80 11.46
C SER C 196 -2.56 -23.08 11.82
N LEU C 197 -1.24 -22.99 11.94
CA LEU C 197 -0.41 -24.13 12.25
C LEU C 197 -0.09 -24.17 13.74
N ALA C 198 -0.08 -25.36 14.31
CA ALA C 198 0.28 -25.51 15.70
C ALA C 198 1.78 -25.25 15.88
N PRO C 199 2.20 -24.85 17.07
CA PRO C 199 3.64 -24.67 17.32
C PRO C 199 4.47 -25.92 17.05
N ASP C 200 3.95 -27.11 17.37
CA ASP C 200 4.66 -28.35 17.10
C ASP C 200 4.49 -28.85 15.67
N THR C 201 3.62 -28.21 14.90
CA THR C 201 3.42 -28.48 13.48
C THR C 201 2.89 -29.88 13.19
N ARG C 202 2.38 -30.58 14.21
CA ARG C 202 1.73 -31.86 13.99
C ARG C 202 0.22 -31.74 13.85
N LEU C 203 -0.33 -30.54 14.02
CA LEU C 203 -1.76 -30.29 13.86
C LEU C 203 -1.94 -28.91 13.26
N PHE C 204 -3.12 -28.69 12.66
CA PHE C 204 -3.50 -27.37 12.22
C PHE C 204 -5.02 -27.26 12.22
N VAL C 205 -5.52 -26.05 12.43
CA VAL C 205 -6.94 -25.79 12.48
C VAL C 205 -7.35 -25.07 11.20
N SER C 206 -8.60 -25.30 10.80
CA SER C 206 -9.17 -24.72 9.60
C SER C 206 -10.44 -23.95 9.95
N GLY C 207 -10.78 -22.99 9.11
CA GLY C 207 -11.99 -22.22 9.29
C GLY C 207 -12.67 -21.92 7.97
N ALA C 208 -13.93 -22.30 7.84
CA ALA C 208 -14.61 -22.28 6.55
C ALA C 208 -15.86 -21.41 6.62
N CYS C 209 -16.58 -21.36 5.50
CA CYS C 209 -17.80 -20.58 5.38
C CYS C 209 -19.03 -21.33 5.85
N ASP C 210 -18.88 -22.57 6.31
CA ASP C 210 -19.95 -23.29 6.97
C ASP C 210 -20.01 -22.99 8.46
N ALA C 211 -19.28 -21.97 8.92
CA ALA C 211 -19.26 -21.54 10.31
C ALA C 211 -18.72 -22.61 11.25
N SER C 212 -17.82 -23.45 10.76
CA SER C 212 -17.23 -24.50 11.58
C SER C 212 -15.72 -24.42 11.52
N ALA C 213 -15.08 -24.88 12.59
CA ALA C 213 -13.64 -25.01 12.67
C ALA C 213 -13.29 -26.47 12.87
N LYS C 214 -12.25 -26.93 12.18
CA LYS C 214 -11.89 -28.33 12.15
C LYS C 214 -10.42 -28.48 12.50
N LEU C 215 -10.11 -29.40 13.41
CA LEU C 215 -8.74 -29.67 13.82
C LEU C 215 -8.24 -30.90 13.08
N TRP C 216 -7.20 -30.72 12.28
CA TRP C 216 -6.70 -31.77 11.39
C TRP C 216 -5.40 -32.34 11.92
N ASP C 217 -5.12 -33.57 11.50
CA ASP C 217 -3.86 -34.24 11.78
C ASP C 217 -3.02 -34.23 10.51
N VAL C 218 -1.86 -33.59 10.57
CA VAL C 218 -1.04 -33.44 9.37
C VAL C 218 -0.48 -34.79 8.93
N ARG C 219 -0.09 -35.62 9.89
CA ARG C 219 0.52 -36.91 9.56
C ARG C 219 -0.52 -37.95 9.16
N GLU C 220 -1.47 -38.23 10.06
CA GLU C 220 -2.46 -39.27 9.77
C GLU C 220 -3.34 -38.89 8.58
N GLY C 221 -3.76 -37.64 8.50
CA GLY C 221 -4.54 -37.15 7.39
C GLY C 221 -6.02 -37.02 7.62
N MET C 222 -6.48 -37.06 8.87
CA MET C 222 -7.90 -37.07 9.20
C MET C 222 -8.27 -35.82 9.99
N CYS C 223 -9.51 -35.79 10.46
CA CYS C 223 -10.07 -34.66 11.20
C CYS C 223 -10.38 -35.13 12.61
N ARG C 224 -9.60 -34.63 13.58
CA ARG C 224 -9.76 -35.09 14.95
C ARG C 224 -11.03 -34.53 15.59
N GLN C 225 -11.30 -33.24 15.39
CA GLN C 225 -12.38 -32.57 16.11
C GLN C 225 -13.04 -31.57 15.18
N THR C 226 -14.30 -31.24 15.48
CA THR C 226 -15.04 -30.22 14.76
C THR C 226 -15.70 -29.30 15.77
N PHE C 227 -15.49 -28.00 15.62
CA PHE C 227 -15.97 -27.00 16.55
C PHE C 227 -17.02 -26.13 15.87
N THR C 228 -18.17 -25.97 16.52
CA THR C 228 -19.31 -25.27 15.93
C THR C 228 -19.98 -24.37 16.96
N GLY C 229 -19.61 -23.09 16.96
CA GLY C 229 -20.31 -22.12 17.77
C GLY C 229 -20.69 -20.85 17.03
N HIS C 230 -20.08 -20.63 15.87
CA HIS C 230 -20.29 -19.40 15.14
C HIS C 230 -21.59 -19.46 14.34
N GLU C 231 -21.99 -18.31 13.81
CA GLU C 231 -23.22 -18.20 13.04
C GLU C 231 -23.01 -17.53 11.69
N SER C 232 -21.78 -17.34 11.26
CA SER C 232 -21.49 -16.79 9.95
C SER C 232 -20.12 -17.30 9.52
N ASP C 233 -19.62 -16.74 8.42
CA ASP C 233 -18.35 -17.19 7.86
C ASP C 233 -17.22 -16.96 8.86
N ILE C 234 -16.38 -17.97 9.03
CA ILE C 234 -15.19 -17.84 9.87
C ILE C 234 -14.06 -17.34 8.98
N ASN C 235 -13.67 -16.09 9.17
CA ASN C 235 -12.68 -15.45 8.30
C ASN C 235 -11.25 -15.60 8.81
N ALA C 236 -11.05 -15.66 10.13
CA ALA C 236 -9.72 -15.67 10.70
C ALA C 236 -9.62 -16.71 11.79
N ILE C 237 -8.47 -17.37 11.89
CA ILE C 237 -8.20 -18.39 12.89
C ILE C 237 -6.75 -18.28 13.34
N CYS C 238 -6.50 -18.68 14.59
CA CYS C 238 -5.15 -18.61 15.16
C CYS C 238 -5.07 -19.46 16.42
N PHE C 239 -4.00 -20.25 16.54
CA PHE C 239 -3.68 -20.90 17.81
C PHE C 239 -3.22 -19.95 18.91
N PHE C 240 -3.60 -20.33 20.12
CA PHE C 240 -2.95 -19.87 21.34
C PHE C 240 -1.49 -20.33 21.33
N PRO C 241 -0.59 -19.55 21.93
CA PRO C 241 0.82 -19.98 21.96
C PRO C 241 1.02 -21.33 22.64
N ASN C 242 0.19 -21.65 23.63
CA ASN C 242 0.30 -22.92 24.33
C ASN C 242 0.11 -24.10 23.39
N GLY C 243 -0.69 -23.92 22.34
CA GLY C 243 -1.02 -24.99 21.43
C GLY C 243 -2.18 -25.86 21.85
N ASN C 244 -2.88 -25.50 22.92
CA ASN C 244 -4.04 -26.24 23.40
C ASN C 244 -5.34 -25.49 23.21
N ALA C 245 -5.33 -24.39 22.46
CA ALA C 245 -6.54 -23.62 22.21
C ALA C 245 -6.33 -22.80 20.95
N PHE C 246 -7.43 -22.27 20.41
CA PHE C 246 -7.34 -21.39 19.27
C PHE C 246 -8.52 -20.43 19.26
N ALA C 247 -8.35 -19.33 18.53
CA ALA C 247 -9.33 -18.26 18.46
C ALA C 247 -9.79 -18.06 17.02
N THR C 248 -11.06 -17.72 16.86
CA THR C 248 -11.67 -17.54 15.55
C THR C 248 -12.33 -16.18 15.48
N GLY C 249 -12.46 -15.66 14.27
CA GLY C 249 -13.20 -14.43 14.05
C GLY C 249 -14.10 -14.57 12.85
N SER C 250 -15.34 -14.11 13.00
CA SER C 250 -16.38 -14.34 12.01
C SER C 250 -17.01 -13.03 11.56
N ASP C 251 -17.93 -13.16 10.60
CA ASP C 251 -18.69 -12.03 10.08
C ASP C 251 -19.80 -11.58 11.02
N ASP C 252 -20.05 -12.32 12.09
CA ASP C 252 -21.05 -11.96 13.08
C ASP C 252 -20.52 -11.00 14.13
N ALA C 253 -19.39 -10.34 13.86
CA ALA C 253 -18.76 -9.42 14.80
C ALA C 253 -18.47 -10.11 16.14
N THR C 254 -17.89 -11.31 16.05
CA THR C 254 -17.67 -12.12 17.24
C THR C 254 -16.38 -12.90 17.12
N CYS C 255 -15.57 -12.85 18.17
CA CYS C 255 -14.44 -13.74 18.35
C CYS C 255 -14.79 -14.81 19.38
N ARG C 256 -14.23 -15.99 19.20
CA ARG C 256 -14.49 -17.10 20.11
C ARG C 256 -13.21 -17.88 20.36
N LEU C 257 -13.07 -18.38 21.58
CA LEU C 257 -11.92 -19.16 22.01
C LEU C 257 -12.37 -20.60 22.26
N PHE C 258 -11.74 -21.54 21.58
CA PHE C 258 -12.07 -22.96 21.70
C PHE C 258 -10.91 -23.70 22.34
N ASP C 259 -11.23 -24.58 23.28
CA ASP C 259 -10.23 -25.42 23.91
C ASP C 259 -10.17 -26.78 23.21
N LEU C 260 -8.97 -27.17 22.79
CA LEU C 260 -8.80 -28.42 22.06
C LEU C 260 -9.07 -29.63 22.95
N ARG C 261 -8.70 -29.56 24.23
CA ARG C 261 -8.80 -30.71 25.12
C ARG C 261 -10.19 -30.83 25.76
N ALA C 262 -10.83 -29.71 26.08
CA ALA C 262 -12.20 -29.74 26.55
C ALA C 262 -13.21 -29.90 25.41
N ASP C 263 -12.78 -29.68 24.17
CA ASP C 263 -13.59 -29.94 22.98
C ASP C 263 -14.81 -29.03 22.93
N GLN C 264 -14.61 -27.74 23.19
CA GLN C 264 -15.72 -26.80 23.16
C GLN C 264 -15.19 -25.38 23.30
N GLU C 265 -16.10 -24.42 23.19
CA GLU C 265 -15.76 -23.01 23.27
C GLU C 265 -15.66 -22.55 24.72
N LEU C 266 -14.65 -21.73 25.00
CA LEU C 266 -14.42 -21.22 26.34
C LEU C 266 -14.89 -19.79 26.54
N MET C 267 -14.70 -18.91 25.55
CA MET C 267 -14.97 -17.50 25.75
C MET C 267 -15.44 -16.87 24.44
N THR C 268 -16.22 -15.81 24.57
CA THR C 268 -16.79 -15.07 23.45
C THR C 268 -16.42 -13.61 23.60
N TYR C 269 -15.85 -13.03 22.54
CA TYR C 269 -15.34 -11.66 22.55
C TYR C 269 -16.28 -10.80 21.70
N SER C 270 -17.32 -10.26 22.33
CA SER C 270 -18.35 -9.51 21.66
C SER C 270 -18.60 -8.20 22.38
N HIS C 271 -19.08 -7.21 21.62
CA HIS C 271 -19.41 -5.90 22.15
C HIS C 271 -20.52 -5.31 21.29
N ASP C 272 -21.49 -4.67 21.94
CA ASP C 272 -22.65 -4.13 21.24
C ASP C 272 -22.28 -3.01 20.27
N ASN C 273 -21.14 -2.35 20.49
CA ASN C 273 -20.71 -1.28 19.59
C ASN C 273 -20.14 -1.80 18.28
N ILE C 274 -19.65 -3.03 18.26
CA ILE C 274 -19.12 -3.64 17.04
C ILE C 274 -20.24 -4.40 16.34
N ILE C 275 -20.42 -4.13 15.05
CA ILE C 275 -21.44 -4.79 14.25
C ILE C 275 -20.83 -5.32 12.97
N CYS C 276 -19.57 -4.98 12.71
CA CYS C 276 -18.89 -5.34 11.49
C CYS C 276 -18.07 -6.61 11.68
N GLY C 277 -17.70 -7.22 10.56
CA GLY C 277 -17.01 -8.49 10.61
C GLY C 277 -15.56 -8.36 11.04
N ILE C 278 -14.93 -9.51 11.22
CA ILE C 278 -13.55 -9.62 11.67
C ILE C 278 -12.74 -10.23 10.55
N THR C 279 -11.70 -9.51 10.12
CA THR C 279 -10.89 -9.94 9.00
C THR C 279 -9.66 -10.74 9.43
N SER C 280 -9.07 -10.40 10.57
CA SER C 280 -7.83 -11.03 11.00
C SER C 280 -7.85 -11.17 12.51
N VAL C 281 -7.08 -12.13 13.01
CA VAL C 281 -6.97 -12.39 14.44
C VAL C 281 -5.55 -12.83 14.72
N SER C 282 -5.03 -12.44 15.88
CA SER C 282 -3.74 -12.96 16.33
C SER C 282 -3.64 -12.83 17.83
N PHE C 283 -2.69 -13.54 18.39
CA PHE C 283 -2.44 -13.53 19.83
C PHE C 283 -1.14 -12.79 20.11
N SER C 284 -0.86 -12.60 21.39
CA SER C 284 0.42 -12.04 21.82
C SER C 284 1.37 -13.19 22.15
N LYS C 285 2.54 -12.87 22.69
CA LYS C 285 3.50 -13.92 23.01
C LYS C 285 3.07 -14.71 24.23
N SER C 286 2.55 -14.02 25.25
CA SER C 286 2.06 -14.71 26.44
C SER C 286 0.71 -15.36 26.20
N GLY C 287 -0.09 -14.82 25.28
CA GLY C 287 -1.45 -15.25 25.10
C GLY C 287 -2.48 -14.46 25.87
N ARG C 288 -2.09 -13.34 26.48
CA ARG C 288 -3.02 -12.51 27.23
C ARG C 288 -3.71 -11.47 26.37
N LEU C 289 -3.21 -11.23 25.16
CA LEU C 289 -3.79 -10.24 24.25
C LEU C 289 -4.32 -10.93 23.01
N LEU C 290 -5.58 -10.67 22.69
CA LEU C 290 -6.18 -11.11 21.44
C LEU C 290 -6.42 -9.88 20.58
N LEU C 291 -5.72 -9.80 19.47
CA LEU C 291 -5.81 -8.68 18.55
C LEU C 291 -6.65 -9.08 17.34
N ALA C 292 -7.59 -8.22 16.96
CA ALA C 292 -8.50 -8.53 15.87
C ALA C 292 -8.69 -7.31 14.99
N GLY C 293 -8.53 -7.51 13.68
CA GLY C 293 -8.83 -6.47 12.72
C GLY C 293 -10.26 -6.58 12.23
N TYR C 294 -10.88 -5.42 12.05
CA TYR C 294 -12.31 -5.33 11.77
C TYR C 294 -12.54 -4.63 10.44
N ASP C 295 -13.76 -4.75 9.93
CA ASP C 295 -14.18 -4.04 8.72
C ASP C 295 -14.44 -2.56 8.97
N ASP C 296 -14.58 -2.13 10.23
CA ASP C 296 -14.85 -0.74 10.56
C ASP C 296 -13.57 0.06 10.76
N PHE C 297 -12.52 -0.32 10.04
CA PHE C 297 -11.29 0.41 9.75
C PHE C 297 -10.28 0.34 10.89
N ASN C 298 -10.58 -0.32 12.01
CA ASN C 298 -9.67 -0.29 13.14
C ASN C 298 -9.50 -1.67 13.75
N CYS C 299 -8.50 -1.79 14.61
CA CYS C 299 -8.15 -3.02 15.32
C CYS C 299 -8.41 -2.86 16.81
N ASN C 300 -8.89 -3.92 17.43
CA ASN C 300 -9.19 -3.94 18.86
C ASN C 300 -8.34 -4.97 19.56
N VAL C 301 -7.77 -4.58 20.70
CA VAL C 301 -6.99 -5.47 21.56
C VAL C 301 -7.92 -5.97 22.66
N TRP C 302 -8.00 -7.29 22.79
CA TRP C 302 -8.84 -7.91 23.82
C TRP C 302 -7.96 -8.62 24.83
N ASP C 303 -8.38 -8.58 26.10
CA ASP C 303 -7.81 -9.46 27.10
C ASP C 303 -8.37 -10.86 26.86
N ALA C 304 -7.50 -11.81 26.51
CA ALA C 304 -7.97 -13.14 26.13
C ALA C 304 -8.63 -13.87 27.29
N LEU C 305 -8.36 -13.48 28.52
CA LEU C 305 -8.85 -14.20 29.68
C LEU C 305 -10.04 -13.55 30.36
N LYS C 306 -10.46 -12.36 29.92
CA LYS C 306 -11.52 -11.65 30.60
C LYS C 306 -12.57 -11.05 29.67
N ALA C 307 -12.42 -11.18 28.35
CA ALA C 307 -13.38 -10.66 27.38
C ALA C 307 -13.63 -9.17 27.57
N ASP C 308 -12.55 -8.42 27.79
CA ASP C 308 -12.63 -6.99 27.99
C ASP C 308 -11.72 -6.29 27.00
N ARG C 309 -12.24 -5.27 26.32
CA ARG C 309 -11.41 -4.47 25.44
C ARG C 309 -10.31 -3.80 26.25
N ALA C 310 -9.09 -3.86 25.74
CA ALA C 310 -7.94 -3.26 26.41
C ALA C 310 -7.35 -2.10 25.63
N GLY C 311 -7.83 -1.84 24.42
CA GLY C 311 -7.29 -0.79 23.62
C GLY C 311 -7.88 -0.82 22.22
N VAL C 312 -7.32 0.02 21.36
CA VAL C 312 -7.73 0.10 19.97
C VAL C 312 -6.55 0.55 19.14
N LEU C 313 -6.45 0.01 17.93
CA LEU C 313 -5.46 0.44 16.94
C LEU C 313 -6.23 1.08 15.80
N ALA C 314 -6.52 2.36 15.94
CA ALA C 314 -7.30 3.12 14.96
C ALA C 314 -6.34 4.08 14.26
N GLY C 315 -5.75 3.60 13.18
CA GLY C 315 -4.82 4.42 12.43
C GLY C 315 -4.89 4.20 10.93
N HIS C 316 -5.92 3.49 10.48
CA HIS C 316 -6.05 3.16 9.07
C HIS C 316 -7.27 3.84 8.47
N ASP C 317 -7.19 4.14 7.18
CA ASP C 317 -8.22 4.85 6.45
C ASP C 317 -9.14 3.92 5.68
N ASN C 318 -8.93 2.61 5.78
CA ASN C 318 -9.81 1.65 5.11
C ASN C 318 -9.76 0.34 5.87
N ARG C 319 -10.38 -0.68 5.28
CA ARG C 319 -10.57 -1.98 5.93
C ARG C 319 -9.24 -2.61 6.30
N VAL C 320 -9.13 -3.08 7.54
CA VAL C 320 -7.92 -3.73 8.02
C VAL C 320 -8.00 -5.20 7.62
N SER C 321 -7.19 -5.59 6.64
CA SER C 321 -7.30 -6.90 6.01
C SER C 321 -6.42 -7.95 6.66
N CYS C 322 -5.23 -7.59 7.10
CA CYS C 322 -4.27 -8.55 7.61
C CYS C 322 -3.62 -7.99 8.86
N LEU C 323 -3.01 -8.89 9.63
CA LEU C 323 -2.56 -8.53 10.97
C LEU C 323 -1.65 -9.63 11.51
N GLY C 324 -0.50 -9.26 12.06
CA GLY C 324 0.43 -10.24 12.58
C GLY C 324 1.24 -9.70 13.73
N VAL C 325 1.74 -10.61 14.56
CA VAL C 325 2.56 -10.28 15.73
C VAL C 325 3.89 -11.00 15.58
N THR C 326 4.97 -10.31 15.97
CA THR C 326 6.31 -10.85 15.83
C THR C 326 6.52 -12.05 16.75
N ASP C 327 7.48 -12.89 16.38
CA ASP C 327 7.76 -14.10 17.15
C ASP C 327 8.26 -13.77 18.55
N ASP C 328 8.90 -12.63 18.75
CA ASP C 328 9.32 -12.20 20.07
C ASP C 328 8.32 -11.27 20.73
N GLY C 329 7.23 -10.94 20.06
CA GLY C 329 6.20 -10.11 20.65
C GLY C 329 6.53 -8.64 20.72
N MET C 330 7.58 -8.20 20.03
CA MET C 330 7.99 -6.81 20.11
C MET C 330 7.06 -5.86 19.38
N ALA C 331 6.33 -6.32 18.37
CA ALA C 331 5.53 -5.42 17.56
C ALA C 331 4.39 -6.17 16.91
N VAL C 332 3.41 -5.41 16.43
CA VAL C 332 2.28 -5.92 15.66
C VAL C 332 2.19 -5.10 14.39
N ALA C 333 1.91 -5.76 13.27
CA ALA C 333 1.79 -5.12 11.99
C ALA C 333 0.39 -5.31 11.45
N THR C 334 -0.16 -4.25 10.86
CA THR C 334 -1.49 -4.27 10.27
C THR C 334 -1.41 -3.82 8.83
N GLY C 335 -2.24 -4.40 7.99
CA GLY C 335 -2.35 -3.99 6.60
C GLY C 335 -3.80 -3.72 6.27
N SER C 336 -3.99 -2.84 5.29
CA SER C 336 -5.32 -2.31 5.03
C SER C 336 -5.55 -2.13 3.55
N TRP C 337 -6.82 -1.93 3.21
CA TRP C 337 -7.22 -1.59 1.86
C TRP C 337 -6.82 -0.17 1.47
N ASP C 338 -6.33 0.61 2.41
CA ASP C 338 -5.76 1.92 2.12
C ASP C 338 -4.32 1.85 1.61
N SER C 339 -3.81 0.63 1.40
CA SER C 339 -2.50 0.36 0.80
C SER C 339 -1.34 0.73 1.70
N PHE C 340 -1.51 0.62 3.02
CA PHE C 340 -0.44 0.97 3.94
C PHE C 340 -0.28 -0.12 4.99
N LEU C 341 0.94 -0.28 5.45
CA LEU C 341 1.28 -1.16 6.57
C LEU C 341 1.76 -0.31 7.73
N LYS C 342 1.42 -0.71 8.94
CA LYS C 342 1.78 0.05 10.13
C LYS C 342 2.31 -0.90 11.19
N ILE C 343 3.47 -0.57 11.75
CA ILE C 343 4.04 -1.32 12.85
C ILE C 343 3.71 -0.60 14.15
N TRP C 344 3.15 -1.33 15.09
CA TRP C 344 2.70 -0.80 16.37
C TRP C 344 3.49 -1.45 17.49
N ASN C 345 3.79 -0.68 18.52
CA ASN C 345 4.58 -1.21 19.65
C ASN C 345 4.17 -0.54 20.95
N GLN D 11 -21.22 -43.12 1.06
CA GLN D 11 -22.05 -41.96 0.75
C GLN D 11 -22.29 -41.11 1.99
N ALA D 12 -23.23 -41.56 2.82
CA ALA D 12 -23.52 -40.92 4.09
C ALA D 12 -22.99 -41.71 5.28
N ARG D 13 -22.38 -42.88 5.03
CA ARG D 13 -21.74 -43.63 6.10
C ARG D 13 -20.41 -43.00 6.52
N LYS D 14 -19.85 -42.12 5.71
CA LYS D 14 -18.65 -41.39 6.13
C LYS D 14 -18.98 -40.38 7.21
N LEU D 15 -20.17 -39.76 7.15
CA LEU D 15 -20.59 -38.83 8.18
C LEU D 15 -20.73 -39.53 9.53
N VAL D 16 -21.29 -40.74 9.54
CA VAL D 16 -21.44 -41.46 10.80
C VAL D 16 -20.13 -42.09 11.23
N GLU D 17 -19.25 -42.43 10.29
CA GLU D 17 -17.93 -42.92 10.66
C GLU D 17 -17.05 -41.80 11.19
N GLN D 18 -17.22 -40.59 10.67
CA GLN D 18 -16.48 -39.45 11.18
C GLN D 18 -17.03 -39.00 12.53
N LEU D 19 -18.35 -38.98 12.66
CA LEU D 19 -18.97 -38.60 13.93
C LEU D 19 -18.62 -39.60 15.03
N LYS D 20 -18.37 -40.86 14.68
CA LYS D 20 -18.05 -41.85 15.69
C LYS D 20 -16.63 -41.67 16.22
N MET D 21 -15.67 -41.41 15.32
CA MET D 21 -14.29 -41.20 15.78
C MET D 21 -14.17 -39.90 16.57
N GLU D 22 -14.94 -38.87 16.18
CA GLU D 22 -14.89 -37.61 16.91
C GLU D 22 -15.56 -37.72 18.27
N ALA D 23 -16.52 -38.63 18.42
CA ALA D 23 -17.21 -38.79 19.69
C ALA D 23 -16.44 -39.62 20.70
N ASN D 24 -15.45 -40.40 20.26
CA ASN D 24 -14.68 -41.26 21.14
C ASN D 24 -13.34 -40.57 21.43
N ILE D 25 -13.36 -39.61 22.34
CA ILE D 25 -12.17 -38.91 22.79
C ILE D 25 -12.36 -38.51 24.24
N ASP D 26 -11.27 -38.55 24.99
CA ASP D 26 -11.30 -38.17 26.40
C ASP D 26 -11.26 -36.66 26.53
N ARG D 27 -12.17 -36.11 27.33
CA ARG D 27 -12.29 -34.67 27.51
C ARG D 27 -11.94 -34.29 28.95
N ILE D 28 -11.04 -33.33 29.09
CA ILE D 28 -10.83 -32.73 30.40
C ILE D 28 -11.92 -31.69 30.65
N LYS D 29 -12.15 -31.40 31.92
CA LYS D 29 -13.20 -30.44 32.27
C LYS D 29 -12.78 -29.03 31.88
N VAL D 30 -13.79 -28.17 31.74
CA VAL D 30 -13.52 -26.79 31.33
C VAL D 30 -12.73 -26.06 32.41
N SER D 31 -12.98 -26.35 33.67
CA SER D 31 -12.23 -25.71 34.74
C SER D 31 -10.76 -26.04 34.66
N LYS D 32 -10.42 -27.30 34.37
CA LYS D 32 -9.03 -27.67 34.18
C LYS D 32 -8.44 -26.99 32.95
N ALA D 33 -9.21 -26.91 31.87
CA ALA D 33 -8.73 -26.27 30.65
C ALA D 33 -8.47 -24.79 30.87
N ALA D 34 -9.35 -24.11 31.61
CA ALA D 34 -9.17 -22.69 31.85
C ALA D 34 -7.92 -22.41 32.68
N ALA D 35 -7.64 -23.27 33.66
CA ALA D 35 -6.49 -23.04 34.52
C ALA D 35 -5.18 -23.15 33.75
N ASP D 36 -5.12 -24.09 32.80
CA ASP D 36 -3.91 -24.24 31.98
C ASP D 36 -3.65 -22.99 31.14
N LEU D 37 -4.70 -22.41 30.57
CA LEU D 37 -4.55 -21.13 29.89
C LEU D 37 -4.10 -20.05 30.87
N MET D 38 -4.71 -20.01 32.05
CA MET D 38 -4.35 -19.01 33.04
C MET D 38 -2.91 -19.18 33.50
N ALA D 39 -2.45 -20.41 33.68
CA ALA D 39 -1.10 -20.64 34.18
C ALA D 39 -0.05 -20.36 33.12
N TYR D 40 -0.36 -20.59 31.85
CA TYR D 40 0.57 -20.25 30.78
C TYR D 40 0.76 -18.74 30.69
N CYS D 41 -0.32 -17.97 30.87
CA CYS D 41 -0.23 -16.52 30.75
C CYS D 41 0.62 -15.93 31.86
N GLU D 42 0.47 -16.44 33.10
CA GLU D 42 1.26 -15.91 34.21
C GLU D 42 2.73 -16.23 34.05
N ALA D 43 3.05 -17.44 33.58
CA ALA D 43 4.44 -17.84 33.41
C ALA D 43 5.14 -16.96 32.39
N HIS D 44 4.45 -16.61 31.30
CA HIS D 44 5.04 -15.85 30.21
C HIS D 44 4.63 -14.39 30.23
N ALA D 45 4.10 -13.91 31.35
CA ALA D 45 3.63 -12.53 31.44
C ALA D 45 4.78 -11.52 31.47
N LYS D 46 5.97 -11.94 31.87
CA LYS D 46 7.12 -11.05 31.95
C LYS D 46 7.97 -11.07 30.69
N GLU D 47 7.53 -11.76 29.64
CA GLU D 47 8.32 -11.89 28.42
C GLU D 47 7.77 -11.12 27.24
N ASP D 48 6.45 -10.93 27.13
CA ASP D 48 5.90 -10.24 25.98
C ASP D 48 5.92 -8.72 26.18
N PRO D 49 6.43 -7.95 25.22
CA PRO D 49 6.45 -6.49 25.37
C PRO D 49 5.08 -5.84 25.30
N LEU D 50 4.14 -6.39 24.54
CA LEU D 50 2.88 -5.69 24.28
C LEU D 50 2.01 -5.55 25.51
N LEU D 51 2.14 -6.45 26.49
CA LEU D 51 1.37 -6.34 27.72
C LEU D 51 1.99 -5.31 28.65
N THR D 52 3.23 -5.55 29.06
CA THR D 52 4.00 -4.59 29.83
C THR D 52 5.10 -4.02 28.95
N PRO D 53 5.04 -2.74 28.59
CA PRO D 53 5.95 -2.22 27.56
C PRO D 53 7.42 -2.34 27.97
N VAL D 54 8.25 -2.65 26.99
CA VAL D 54 9.70 -2.71 27.16
C VAL D 54 10.21 -1.27 27.30
N PRO D 55 11.38 -1.05 27.91
CA PRO D 55 11.89 0.31 28.03
C PRO D 55 12.18 0.92 26.66
N ALA D 56 12.24 2.25 26.64
CA ALA D 56 12.46 2.97 25.39
C ALA D 56 13.79 2.63 24.75
N SER D 57 14.74 2.08 25.50
CA SER D 57 16.04 1.71 24.97
C SER D 57 16.10 0.25 24.52
N GLU D 58 15.03 -0.51 24.73
CA GLU D 58 15.00 -1.90 24.29
C GLU D 58 14.11 -2.14 23.07
N ASN D 59 13.16 -1.25 22.80
CA ASN D 59 12.32 -1.37 21.61
C ASN D 59 13.14 -1.00 20.39
N PRO D 60 13.26 -1.89 19.40
CA PRO D 60 13.99 -1.53 18.17
C PRO D 60 13.22 -0.64 17.22
N PHE D 61 12.00 -0.25 17.57
CA PHE D 61 11.19 0.59 16.70
C PHE D 61 11.07 2.01 17.25
N CYS E 24 -18.93 58.70 11.28
CA CYS E 24 -18.60 57.33 10.94
C CYS E 24 -18.26 56.52 12.19
N TYR E 25 -18.12 57.23 13.32
CA TYR E 25 -17.75 56.56 14.56
C TYR E 25 -18.78 55.50 14.98
N LYS E 26 -20.03 55.64 14.53
CA LYS E 26 -21.02 54.62 14.81
C LYS E 26 -20.72 53.33 14.06
N GLN E 27 -20.45 53.43 12.76
CA GLN E 27 -20.25 52.24 11.94
C GLN E 27 -18.89 51.59 12.15
N THR E 28 -17.86 52.40 12.41
CA THR E 28 -16.50 51.85 12.49
C THR E 28 -16.39 50.81 13.58
N LEU E 29 -16.97 51.07 14.76
CA LEU E 29 -16.96 50.08 15.83
C LEU E 29 -17.84 48.89 15.49
N SER E 30 -18.98 49.14 14.84
CA SER E 30 -19.91 48.05 14.55
C SER E 30 -19.29 47.04 13.60
N LEU E 31 -18.56 47.50 12.58
CA LEU E 31 -18.00 46.59 11.60
C LEU E 31 -16.69 45.97 12.06
N THR E 32 -15.94 46.64 12.95
CA THR E 32 -14.69 46.06 13.43
C THR E 32 -14.94 44.95 14.45
N VAL E 33 -16.00 45.08 15.25
CA VAL E 33 -16.36 44.01 16.18
C VAL E 33 -16.90 42.82 15.41
N LEU E 34 -17.74 43.07 14.42
CA LEU E 34 -18.32 41.99 13.63
C LEU E 34 -17.24 41.24 12.86
N THR E 35 -16.14 41.91 12.51
CA THR E 35 -15.04 41.23 11.84
C THR E 35 -14.27 40.34 12.79
N CYS E 36 -14.20 40.70 14.08
CA CYS E 36 -13.58 39.83 15.07
C CYS E 36 -14.32 38.50 15.16
N ILE E 37 -15.64 38.55 15.14
CA ILE E 37 -16.45 37.33 15.27
C ILE E 37 -16.26 36.44 14.05
N VAL E 38 -16.35 37.03 12.85
CA VAL E 38 -16.18 36.26 11.62
C VAL E 38 -14.77 35.70 11.54
N SER E 39 -13.77 36.51 11.88
CA SER E 39 -12.39 36.04 11.81
C SER E 39 -12.15 34.89 12.78
N LEU E 40 -12.78 34.93 13.96
CA LEU E 40 -12.61 33.85 14.92
C LEU E 40 -13.24 32.56 14.41
N VAL E 41 -14.47 32.62 13.90
CA VAL E 41 -15.12 31.42 13.40
C VAL E 41 -14.43 30.92 12.13
N GLY E 42 -13.89 31.83 11.34
CA GLY E 42 -13.13 31.41 10.16
C GLY E 42 -11.85 30.71 10.54
N LEU E 43 -11.13 31.23 11.54
CA LEU E 43 -9.87 30.63 11.93
C LEU E 43 -10.08 29.23 12.50
N THR E 44 -11.12 29.04 13.32
CA THR E 44 -11.39 27.72 13.86
C THR E 44 -11.93 26.77 12.80
N GLY E 45 -12.49 27.30 11.71
CA GLY E 45 -12.86 26.46 10.59
C GLY E 45 -11.73 26.14 9.65
N ASN E 46 -10.65 26.93 9.67
CA ASN E 46 -9.50 26.67 8.83
C ASN E 46 -8.43 25.86 9.54
N ALA E 47 -8.37 25.95 10.86
CA ALA E 47 -7.47 25.07 11.61
C ALA E 47 -7.90 23.61 11.48
N VAL E 48 -9.20 23.36 11.52
CA VAL E 48 -9.69 21.99 11.40
C VAL E 48 -9.45 21.45 10.00
N VAL E 49 -9.65 22.28 8.98
CA VAL E 49 -9.41 21.85 7.60
C VAL E 49 -7.94 21.52 7.39
N LEU E 50 -7.05 22.39 7.88
CA LEU E 50 -5.62 22.11 7.79
C LEU E 50 -5.26 20.86 8.57
N TRP E 51 -5.88 20.66 9.74
CA TRP E 51 -5.60 19.47 10.54
C TRP E 51 -6.14 18.21 9.86
N LEU E 52 -7.41 18.25 9.43
CA LEU E 52 -7.99 17.06 8.80
C LEU E 52 -7.30 16.72 7.49
N LEU E 53 -7.04 17.72 6.66
CA LEU E 53 -6.41 17.45 5.37
C LEU E 53 -4.91 17.23 5.48
N GLY E 54 -4.29 17.65 6.57
CA GLY E 54 -2.90 17.35 6.80
C GLY E 54 -2.65 15.97 7.36
N CYS E 55 -3.70 15.19 7.61
CA CYS E 55 -3.59 13.86 8.18
C CYS E 55 -3.95 12.76 7.20
N ARG E 56 -4.76 13.06 6.18
CA ARG E 56 -5.17 12.04 5.23
C ARG E 56 -3.98 11.58 4.39
N MET E 57 -3.97 10.28 4.08
CA MET E 57 -2.88 9.69 3.31
C MET E 57 -3.07 9.81 1.81
N ARG E 58 -4.32 9.82 1.32
CA ARG E 58 -4.55 9.88 -0.11
C ARG E 58 -4.45 11.32 -0.63
N ARG E 59 -5.33 12.20 -0.16
CA ARG E 59 -5.25 13.63 -0.41
C ARG E 59 -5.25 13.91 -1.93
N ASN E 60 -6.41 13.67 -2.54
CA ASN E 60 -6.58 13.77 -3.98
C ASN E 60 -6.38 15.18 -4.52
N ALA E 61 -6.54 15.35 -5.83
CA ALA E 61 -6.25 16.62 -6.48
C ALA E 61 -7.07 17.76 -5.89
N PHE E 62 -8.33 17.50 -5.53
CA PHE E 62 -9.17 18.55 -4.97
C PHE E 62 -8.72 18.95 -3.58
N SER E 63 -8.27 17.98 -2.78
CA SER E 63 -7.87 18.28 -1.42
C SER E 63 -6.62 19.15 -1.36
N ILE E 64 -5.75 19.05 -2.37
CA ILE E 64 -4.51 19.80 -2.34
C ILE E 64 -4.76 21.29 -2.52
N TYR E 65 -5.70 21.66 -3.39
CA TYR E 65 -6.09 23.07 -3.49
C TYR E 65 -6.81 23.53 -2.23
N ILE E 66 -7.66 22.69 -1.65
CA ILE E 66 -8.38 23.08 -0.44
C ILE E 66 -7.40 23.23 0.72
N LEU E 67 -6.39 22.37 0.79
CA LEU E 67 -5.35 22.52 1.80
C LEU E 67 -4.59 23.82 1.61
N ASN E 68 -4.26 24.17 0.36
CA ASN E 68 -3.55 25.41 0.10
C ASN E 68 -4.41 26.62 0.36
N LEU E 69 -5.70 26.54 0.04
CA LEU E 69 -6.59 27.68 0.27
C LEU E 69 -6.91 27.87 1.74
N ALA E 70 -6.93 26.78 2.51
CA ALA E 70 -7.07 26.90 3.95
C ALA E 70 -5.87 27.59 4.57
N ALA E 71 -4.67 27.34 4.02
CA ALA E 71 -3.48 28.03 4.49
C ALA E 71 -3.55 29.52 4.18
N ALA E 72 -3.90 29.88 2.95
CA ALA E 72 -3.98 31.29 2.59
C ALA E 72 -5.07 32.01 3.35
N ASP E 73 -6.17 31.32 3.68
CA ASP E 73 -7.22 31.91 4.49
C ASP E 73 -6.87 32.00 5.97
N PHE E 74 -5.91 31.21 6.43
CA PHE E 74 -5.49 31.31 7.82
C PHE E 74 -4.68 32.58 8.04
N LEU E 75 -3.74 32.87 7.14
CA LEU E 75 -2.95 34.09 7.26
C LEU E 75 -3.81 35.34 7.12
N PHE E 76 -4.72 35.34 6.14
CA PHE E 76 -5.56 36.51 5.90
C PHE E 76 -6.48 36.79 7.07
N LEU E 77 -7.09 35.75 7.64
CA LEU E 77 -7.99 35.95 8.76
C LEU E 77 -7.23 36.31 10.03
N SER E 78 -6.01 35.80 10.18
CA SER E 78 -5.17 36.21 11.31
C SER E 78 -4.85 37.70 11.24
N GLY E 79 -4.53 38.20 10.05
CA GLY E 79 -4.29 39.62 9.89
C GLY E 79 -5.54 40.46 10.10
N ARG E 80 -6.70 39.95 9.68
CA ARG E 80 -7.96 40.61 9.98
C ARG E 80 -8.27 40.61 11.48
N LEU E 81 -7.78 39.62 12.22
CA LEU E 81 -8.07 39.50 13.64
C LEU E 81 -7.12 40.32 14.51
N ILE E 82 -5.85 40.40 14.12
CA ILE E 82 -4.90 41.21 14.89
C ILE E 82 -5.28 42.68 14.77
N TYR E 83 -5.49 43.15 13.54
CA TYR E 83 -5.79 44.56 13.34
C TYR E 83 -7.14 44.93 13.95
N SER E 84 -8.09 44.00 13.94
CA SER E 84 -9.39 44.29 14.53
C SER E 84 -9.29 44.46 16.05
N LEU E 85 -8.46 43.65 16.70
CA LEU E 85 -8.33 43.74 18.16
C LEU E 85 -7.57 45.00 18.55
N LEU E 86 -6.45 45.27 17.89
CA LEU E 86 -5.68 46.47 18.17
C LEU E 86 -6.34 47.72 17.64
N SER E 87 -7.58 47.64 17.16
CA SER E 87 -8.35 48.79 16.72
C SER E 87 -9.39 49.21 17.74
N PHE E 88 -10.02 48.26 18.43
CA PHE E 88 -10.82 48.59 19.60
C PHE E 88 -9.97 49.21 20.68
N ILE E 89 -8.67 48.93 20.68
CA ILE E 89 -7.69 49.63 21.48
C ILE E 89 -6.91 50.56 20.55
N SER E 90 -6.10 51.45 21.12
CA SER E 90 -5.27 52.35 20.33
C SER E 90 -3.82 51.92 20.55
N ILE E 91 -3.37 50.96 19.75
CA ILE E 91 -2.00 50.45 19.84
C ILE E 91 -1.12 51.16 18.83
N PRO E 92 0.18 50.86 18.79
CA PRO E 92 1.06 51.55 17.83
C PRO E 92 0.73 51.16 16.39
N HIS E 93 1.12 52.06 15.48
CA HIS E 93 0.87 51.87 14.06
C HIS E 93 1.94 51.04 13.37
N THR E 94 3.00 50.64 14.08
CA THR E 94 4.07 49.87 13.47
C THR E 94 3.59 48.52 12.94
N ILE E 95 2.49 48.00 13.49
CA ILE E 95 1.96 46.71 13.03
C ILE E 95 1.36 46.86 11.64
N SER E 96 0.63 47.95 11.40
CA SER E 96 -0.09 48.09 10.14
C SER E 96 0.84 48.13 8.94
N LYS E 97 2.07 48.61 9.14
CA LYS E 97 3.05 48.61 8.05
C LYS E 97 3.71 47.25 7.87
N ILE E 98 3.66 46.39 8.88
CA ILE E 98 4.29 45.07 8.79
C ILE E 98 3.28 43.94 8.62
N LEU E 99 2.02 44.15 9.01
CA LEU E 99 0.97 43.18 8.72
C LEU E 99 0.35 43.36 7.36
N TYR E 100 0.72 44.41 6.61
CA TYR E 100 0.13 44.61 5.29
C TYR E 100 0.66 43.60 4.28
N PRO E 101 1.98 43.50 4.00
CA PRO E 101 2.40 42.58 2.95
C PRO E 101 2.44 41.14 3.42
N VAL E 102 1.47 40.77 4.23
CA VAL E 102 1.21 39.39 4.60
C VAL E 102 -0.26 39.14 4.32
N MET E 103 -1.09 40.10 4.76
CA MET E 103 -2.53 40.01 4.53
C MET E 103 -2.84 40.04 3.03
N MET E 104 -2.17 40.92 2.28
CA MET E 104 -2.45 41.00 0.86
C MET E 104 -1.79 39.86 0.09
N PHE E 105 -0.65 39.37 0.58
CA PHE E 105 -0.03 38.20 -0.03
C PHE E 105 -0.92 36.98 0.13
N SER E 106 -1.56 36.83 1.29
CA SER E 106 -2.45 35.71 1.52
C SER E 106 -3.78 35.89 0.81
N TYR E 107 -4.24 37.14 0.70
CA TYR E 107 -5.50 37.42 0.03
C TYR E 107 -5.44 37.05 -1.45
N PHE E 108 -4.35 37.41 -2.13
CA PHE E 108 -4.22 37.08 -3.55
C PHE E 108 -3.95 35.61 -3.77
N ALA E 109 -3.28 34.96 -2.82
CA ALA E 109 -3.09 33.52 -2.93
C ALA E 109 -4.42 32.79 -2.88
N GLY E 110 -5.37 33.30 -2.08
CA GLY E 110 -6.66 32.65 -1.97
C GLY E 110 -7.52 32.81 -3.21
N LEU E 111 -7.52 34.00 -3.81
CA LEU E 111 -8.33 34.23 -4.99
C LEU E 111 -7.84 33.42 -6.18
N SER E 112 -6.54 33.17 -6.26
CA SER E 112 -5.99 32.34 -7.32
C SER E 112 -6.21 30.86 -7.08
N PHE E 113 -6.43 30.44 -5.83
CA PHE E 113 -6.76 29.05 -5.55
C PHE E 113 -8.24 28.77 -5.74
N LEU E 114 -9.09 29.78 -5.66
CA LEU E 114 -10.48 29.61 -6.03
C LEU E 114 -10.62 29.44 -7.54
N SER E 115 -9.82 30.18 -8.30
CA SER E 115 -9.85 30.07 -9.75
C SER E 115 -9.22 28.78 -10.24
N ALA E 116 -8.26 28.23 -9.49
CA ALA E 116 -7.65 26.97 -9.86
C ALA E 116 -8.56 25.79 -9.57
N VAL E 117 -9.42 25.90 -8.55
CA VAL E 117 -10.39 24.85 -8.28
C VAL E 117 -11.46 24.81 -9.37
N SER E 118 -11.95 25.96 -9.79
CA SER E 118 -12.98 26.02 -10.82
C SER E 118 -12.45 25.47 -12.15
N THR E 119 -11.21 25.80 -12.49
CA THR E 119 -10.65 25.35 -13.76
C THR E 119 -10.56 23.83 -13.81
N GLU E 120 -10.07 23.20 -12.75
CA GLU E 120 -9.96 21.74 -12.77
C GLU E 120 -11.32 21.08 -12.60
N ARG E 121 -12.25 21.77 -11.96
CA ARG E 121 -13.62 21.30 -11.92
C ARG E 121 -14.24 21.26 -13.31
N CYS E 122 -13.83 22.19 -14.17
CA CYS E 122 -14.30 22.18 -15.56
C CYS E 122 -13.56 21.13 -16.37
N LEU E 123 -12.27 20.95 -16.14
CA LEU E 123 -11.51 19.95 -16.88
C LEU E 123 -11.93 18.54 -16.52
N SER E 124 -12.42 18.33 -15.29
CA SER E 124 -12.93 17.02 -14.92
C SER E 124 -14.20 16.67 -15.67
N VAL E 125 -14.91 17.66 -16.19
CA VAL E 125 -16.16 17.42 -16.90
C VAL E 125 -15.95 17.40 -18.40
N LEU E 126 -15.09 18.28 -18.92
CA LEU E 126 -14.84 18.31 -20.35
C LEU E 126 -14.13 17.05 -20.82
N TRP E 127 -13.10 16.63 -20.09
CA TRP E 127 -12.32 15.44 -20.42
C TRP E 127 -12.18 14.59 -19.17
N PRO E 128 -13.19 13.75 -18.87
CA PRO E 128 -13.15 12.98 -17.62
C PRO E 128 -12.16 11.84 -17.63
N ILE E 129 -11.94 11.19 -18.78
CA ILE E 129 -10.96 10.12 -18.85
C ILE E 129 -9.55 10.68 -18.72
N TRP E 130 -9.26 11.80 -19.37
CA TRP E 130 -7.95 12.41 -19.23
C TRP E 130 -7.69 12.82 -17.79
N TYR E 131 -8.70 13.36 -17.11
CA TYR E 131 -8.52 13.81 -15.74
C TYR E 131 -8.17 12.67 -14.82
N ARG E 132 -8.81 11.53 -14.97
CA ARG E 132 -8.59 10.43 -14.05
C ARG E 132 -7.53 9.44 -14.50
N CYS E 133 -7.12 9.49 -15.77
CA CYS E 133 -6.18 8.51 -16.28
C CYS E 133 -4.87 9.09 -16.78
N HIS E 134 -4.87 10.34 -17.27
CA HIS E 134 -3.68 10.91 -17.89
C HIS E 134 -3.19 12.20 -17.27
N ARG E 135 -3.91 12.76 -16.31
CA ARG E 135 -3.46 13.99 -15.67
C ARG E 135 -2.32 13.67 -14.72
N PRO E 136 -1.17 14.35 -14.85
CA PRO E 136 -0.02 14.02 -14.00
C PRO E 136 -0.34 14.18 -12.52
N THR E 137 0.20 13.26 -11.73
CA THR E 137 -0.19 13.10 -10.34
C THR E 137 0.24 14.25 -9.45
N HIS E 138 1.11 15.13 -9.93
CA HIS E 138 1.62 16.24 -9.13
C HIS E 138 1.28 17.59 -9.73
N LEU E 139 0.26 17.65 -10.60
CA LEU E 139 -0.11 18.91 -11.21
C LEU E 139 -0.60 19.90 -10.15
N SER E 140 -1.44 19.44 -9.24
CA SER E 140 -2.02 20.34 -8.25
C SER E 140 -0.96 20.91 -7.32
N ALA E 141 -0.03 20.07 -6.87
CA ALA E 141 1.05 20.56 -6.02
C ALA E 141 1.94 21.56 -6.74
N VAL E 142 2.25 21.29 -8.01
CA VAL E 142 3.12 22.18 -8.77
C VAL E 142 2.39 23.48 -9.11
N VAL E 143 1.10 23.39 -9.44
CA VAL E 143 0.33 24.60 -9.71
C VAL E 143 0.22 25.46 -8.47
N CYS E 144 0.10 24.82 -7.30
CA CYS E 144 -0.08 25.58 -6.07
C CYS E 144 1.20 26.30 -5.65
N VAL E 145 2.37 25.69 -5.89
CA VAL E 145 3.60 26.40 -5.59
C VAL E 145 3.89 27.48 -6.62
N LEU E 146 3.35 27.36 -7.82
CA LEU E 146 3.42 28.48 -8.77
C LEU E 146 2.56 29.64 -8.30
N LEU E 147 1.36 29.36 -7.80
CA LEU E 147 0.45 30.43 -7.41
C LEU E 147 0.87 31.10 -6.10
N TRP E 148 1.53 30.36 -5.21
CA TRP E 148 2.17 30.99 -4.06
C TRP E 148 3.31 31.89 -4.51
N ALA E 149 4.05 31.45 -5.53
CA ALA E 149 5.19 32.25 -6.02
C ALA E 149 4.72 33.46 -6.81
N LEU E 150 3.67 33.28 -7.63
CA LEU E 150 3.15 34.41 -8.39
C LEU E 150 2.60 35.49 -7.48
N SER E 151 2.11 35.12 -6.30
CA SER E 151 1.68 36.12 -5.32
C SER E 151 2.86 36.80 -4.66
N LEU E 152 3.90 36.03 -4.34
CA LEU E 152 5.10 36.60 -3.73
C LEU E 152 5.79 37.57 -4.70
N LEU E 153 5.86 37.20 -5.97
CA LEU E 153 6.43 38.10 -6.96
C LEU E 153 5.62 39.39 -7.07
N ARG E 154 4.30 39.29 -7.03
CA ARG E 154 3.46 40.48 -7.15
C ARG E 154 3.62 41.40 -5.95
N SER E 155 3.87 40.85 -4.76
CA SER E 155 4.06 41.67 -3.59
C SER E 155 5.43 42.34 -3.57
N ILE E 156 6.46 41.65 -4.07
CA ILE E 156 7.77 42.29 -4.22
C ILE E 156 7.70 43.42 -5.21
N LEU E 157 6.98 43.23 -6.31
CA LEU E 157 6.86 44.26 -7.33
C LEU E 157 6.13 45.49 -6.79
N GLU E 158 5.14 45.29 -5.92
CA GLU E 158 4.44 46.42 -5.33
C GLU E 158 5.31 47.15 -4.33
N TRP E 159 6.20 46.44 -3.64
CA TRP E 159 7.08 47.08 -2.67
C TRP E 159 8.19 47.86 -3.38
N MET E 160 8.76 47.31 -4.45
CA MET E 160 9.81 48.00 -5.18
C MET E 160 9.30 49.29 -5.81
N LEU E 161 8.12 49.25 -6.42
CA LEU E 161 7.61 50.39 -7.17
C LEU E 161 6.72 51.31 -6.35
N CYS E 162 6.29 50.89 -5.16
CA CYS E 162 5.44 51.72 -4.30
C CYS E 162 5.82 51.37 -2.87
N GLY E 163 6.75 52.13 -2.32
CA GLY E 163 7.31 51.81 -1.03
C GLY E 163 8.49 52.68 -0.67
N PHE E 164 9.58 52.06 -0.25
CA PHE E 164 10.76 52.80 0.18
C PHE E 164 11.74 53.06 -0.96
N LEU E 165 11.92 52.09 -1.85
CA LEU E 165 12.98 52.21 -2.86
C LEU E 165 12.65 53.28 -3.88
N PHE E 166 11.56 53.11 -4.62
CA PHE E 166 11.17 54.08 -5.63
C PHE E 166 10.28 55.17 -5.05
N SER E 167 10.73 55.77 -3.94
CA SER E 167 9.91 56.75 -3.24
C SER E 167 9.99 58.12 -3.91
N GLY E 168 11.19 58.68 -3.99
CA GLY E 168 11.38 59.98 -4.60
C GLY E 168 11.47 59.98 -6.10
N ALA E 169 11.38 58.80 -6.74
CA ALA E 169 11.45 58.74 -8.19
C ALA E 169 10.24 59.43 -8.83
N ASP E 170 9.05 58.88 -8.60
CA ASP E 170 7.80 59.42 -9.09
C ASP E 170 6.67 58.59 -8.52
N SER E 171 5.44 59.06 -8.70
CA SER E 171 4.26 58.32 -8.31
C SER E 171 3.66 57.52 -9.46
N ALA E 172 4.15 57.69 -10.69
CA ALA E 172 3.62 56.95 -11.81
C ALA E 172 4.10 55.50 -11.82
N TRP E 173 5.19 55.20 -11.11
CA TRP E 173 5.63 53.82 -11.00
C TRP E 173 4.78 53.04 -10.01
N CYS E 174 4.28 53.69 -8.98
CA CYS E 174 3.31 53.05 -8.09
C CYS E 174 1.99 52.80 -8.81
N GLN E 175 1.55 53.77 -9.64
CA GLN E 175 0.27 53.64 -10.32
C GLN E 175 0.29 52.52 -11.35
N THR E 176 1.44 52.25 -11.96
CA THR E 176 1.53 51.13 -12.89
C THR E 176 1.39 49.81 -12.15
N SER E 177 1.97 49.70 -10.95
CA SER E 177 1.83 48.50 -10.16
C SER E 177 0.38 48.26 -9.75
N ASP E 178 -0.32 49.31 -9.35
CA ASP E 178 -1.74 49.18 -9.02
C ASP E 178 -2.57 48.79 -10.23
N PHE E 179 -2.11 49.16 -11.43
CA PHE E 179 -2.80 48.77 -12.65
C PHE E 179 -2.75 47.26 -12.86
N ILE E 180 -1.60 46.64 -12.59
CA ILE E 180 -1.46 45.20 -12.80
C ILE E 180 -2.30 44.42 -11.79
N THR E 181 -2.37 44.91 -10.55
CA THR E 181 -3.17 44.24 -9.53
C THR E 181 -4.64 44.18 -9.93
N VAL E 182 -5.16 45.25 -10.50
CA VAL E 182 -6.52 45.23 -11.03
C VAL E 182 -6.61 44.28 -12.23
N ALA E 183 -5.59 44.29 -13.09
CA ALA E 183 -5.58 43.36 -14.21
C ALA E 183 -5.51 41.92 -13.74
N TRP E 184 -4.71 41.64 -12.72
CA TRP E 184 -4.63 40.30 -12.14
C TRP E 184 -5.94 39.89 -11.50
N LEU E 185 -6.65 40.84 -10.88
CA LEU E 185 -7.91 40.52 -10.21
C LEU E 185 -9.02 40.20 -11.21
N ILE E 186 -9.06 40.92 -12.32
CA ILE E 186 -10.08 40.65 -13.34
C ILE E 186 -9.80 39.33 -14.05
N PHE E 187 -8.52 39.05 -14.34
CA PHE E 187 -8.18 37.81 -15.03
C PHE E 187 -8.57 36.59 -14.20
N LEU E 188 -8.37 36.66 -12.89
CA LEU E 188 -8.84 35.58 -12.01
C LEU E 188 -10.35 35.46 -12.05
N CYS E 189 -11.07 36.58 -12.17
CA CYS E 189 -12.52 36.53 -12.25
C CYS E 189 -12.99 35.85 -13.54
N VAL E 190 -12.31 36.12 -14.66
CA VAL E 190 -12.69 35.49 -15.93
C VAL E 190 -12.40 34.00 -15.89
N VAL E 191 -11.31 33.60 -15.26
CA VAL E 191 -11.01 32.17 -15.13
C VAL E 191 -12.07 31.48 -14.28
N LEU E 192 -12.49 32.10 -13.19
CA LEU E 192 -13.52 31.50 -12.35
C LEU E 192 -14.85 31.42 -13.07
N CYS E 193 -15.27 32.52 -13.71
CA CYS E 193 -16.57 32.56 -14.36
C CYS E 193 -16.57 31.79 -15.66
N GLY E 194 -15.49 31.89 -16.44
CA GLY E 194 -15.40 31.11 -17.66
C GLY E 194 -15.37 29.62 -17.40
N SER E 195 -14.60 29.19 -16.40
CA SER E 195 -14.54 27.77 -16.07
C SER E 195 -15.88 27.25 -15.58
N SER E 196 -16.57 28.05 -14.77
CA SER E 196 -17.88 27.65 -14.30
C SER E 196 -18.90 27.61 -15.42
N LEU E 197 -18.82 28.57 -16.34
CA LEU E 197 -19.82 28.65 -17.41
C LEU E 197 -19.71 27.47 -18.36
N VAL E 198 -18.49 27.08 -18.75
CA VAL E 198 -18.33 25.95 -19.66
C VAL E 198 -18.85 24.67 -19.02
N LEU E 199 -18.75 24.56 -17.70
CA LEU E 199 -19.24 23.38 -17.00
C LEU E 199 -20.75 23.21 -17.20
N LEU E 200 -21.51 24.29 -17.02
CA LEU E 200 -22.96 24.19 -17.17
C LEU E 200 -23.36 24.00 -18.62
N ILE E 201 -22.65 24.64 -19.54
CA ILE E 201 -22.96 24.46 -20.97
C ILE E 201 -22.72 23.01 -21.37
N ARG E 202 -21.69 22.39 -20.82
CA ARG E 202 -21.43 20.99 -21.13
C ARG E 202 -22.42 20.06 -20.44
N ILE E 203 -22.76 20.35 -19.19
CA ILE E 203 -23.72 19.51 -18.47
C ILE E 203 -25.10 19.61 -19.12
N LEU E 204 -25.51 20.83 -19.48
CA LEU E 204 -26.81 21.01 -20.12
C LEU E 204 -26.86 20.32 -21.49
N CYS E 205 -25.81 20.44 -22.26
CA CYS E 205 -25.74 19.80 -23.58
C CYS E 205 -25.17 18.39 -23.49
N LEU E 212 -29.14 16.78 -10.90
CA LEU E 212 -28.54 17.96 -11.51
C LEU E 212 -28.96 19.23 -10.78
N THR E 213 -29.31 19.10 -9.51
CA THR E 213 -29.65 20.26 -8.69
C THR E 213 -28.45 20.75 -7.89
N ARG E 214 -27.74 19.83 -7.24
CA ARG E 214 -26.58 20.23 -6.44
C ARG E 214 -25.50 20.86 -7.30
N LEU E 215 -25.43 20.50 -8.57
CA LEU E 215 -24.44 21.10 -9.46
C LEU E 215 -24.72 22.58 -9.67
N TYR E 216 -25.97 22.91 -10.02
CA TYR E 216 -26.31 24.31 -10.24
C TYR E 216 -26.27 25.10 -8.95
N VAL E 217 -26.61 24.49 -7.82
CA VAL E 217 -26.57 25.19 -6.55
C VAL E 217 -25.13 25.49 -6.17
N THR E 218 -24.22 24.54 -6.39
CA THR E 218 -22.84 24.74 -5.95
C THR E 218 -22.08 25.68 -6.87
N ILE E 219 -22.35 25.66 -8.17
CA ILE E 219 -21.63 26.55 -9.09
C ILE E 219 -22.00 28.00 -8.83
N LEU E 220 -23.29 28.29 -8.68
CA LEU E 220 -23.69 29.68 -8.48
C LEU E 220 -23.38 30.18 -7.08
N LEU E 221 -23.37 29.29 -6.08
CA LEU E 221 -22.94 29.70 -4.75
C LEU E 221 -21.46 30.06 -4.73
N THR E 222 -20.62 29.27 -5.41
CA THR E 222 -19.20 29.55 -5.42
C THR E 222 -18.87 30.81 -6.22
N VAL E 223 -19.57 31.03 -7.33
CA VAL E 223 -19.32 32.20 -8.16
C VAL E 223 -19.80 33.46 -7.46
N LEU E 224 -20.93 33.39 -6.76
CA LEU E 224 -21.47 34.57 -6.10
C LEU E 224 -20.66 34.93 -4.86
N VAL E 225 -20.27 33.95 -4.07
CA VAL E 225 -19.48 34.23 -2.87
C VAL E 225 -18.13 34.84 -3.25
N PHE E 226 -17.57 34.41 -4.38
CA PHE E 226 -16.34 35.01 -4.87
C PHE E 226 -16.57 36.41 -5.42
N LEU E 227 -17.63 36.58 -6.21
CA LEU E 227 -17.87 37.87 -6.86
C LEU E 227 -18.29 38.93 -5.85
N LEU E 228 -19.16 38.57 -4.90
CA LEU E 228 -19.74 39.54 -3.99
C LEU E 228 -19.03 39.62 -2.64
N CYS E 229 -18.13 38.69 -2.34
CA CYS E 229 -17.39 38.73 -1.09
C CYS E 229 -15.88 38.59 -1.23
N GLY E 230 -15.39 38.15 -2.39
CA GLY E 230 -13.95 38.05 -2.59
C GLY E 230 -13.33 39.21 -3.34
N LEU E 231 -13.90 39.57 -4.48
CA LEU E 231 -13.37 40.61 -5.35
C LEU E 231 -13.58 42.04 -4.89
N PRO E 232 -14.70 42.41 -4.22
CA PRO E 232 -14.91 43.82 -3.87
C PRO E 232 -13.69 44.45 -3.22
N PHE E 233 -13.24 43.88 -2.11
CA PHE E 233 -11.93 44.23 -1.60
C PHE E 233 -10.87 43.76 -2.58
N GLY E 234 -9.86 44.59 -2.78
CA GLY E 234 -8.87 44.30 -3.79
C GLY E 234 -9.14 45.11 -5.04
N ILE E 235 -10.41 45.20 -5.42
CA ILE E 235 -10.78 46.09 -6.51
C ILE E 235 -11.02 47.50 -6.01
N GLN E 236 -11.74 47.65 -4.90
CA GLN E 236 -11.96 48.98 -4.35
C GLN E 236 -10.68 49.58 -3.80
N PHE E 237 -9.77 48.75 -3.29
CA PHE E 237 -8.55 49.28 -2.69
C PHE E 237 -7.60 49.80 -3.76
N PHE E 238 -7.41 49.04 -4.83
CA PHE E 238 -6.40 49.37 -5.83
C PHE E 238 -6.95 50.23 -6.95
N LEU E 239 -8.26 50.23 -7.20
CA LEU E 239 -8.84 51.21 -8.09
C LEU E 239 -8.90 52.58 -7.43
N PHE E 240 -9.59 52.68 -6.30
CA PHE E 240 -9.86 53.95 -5.64
C PHE E 240 -8.65 54.53 -5.01
N LEU E 241 -7.51 53.91 -5.24
CA LEU E 241 -6.26 54.42 -4.73
C LEU E 241 -5.70 55.53 -5.62
N TRP E 242 -6.32 55.75 -6.77
CA TRP E 242 -5.91 56.79 -7.70
C TRP E 242 -7.09 57.58 -8.27
N ILE E 243 -8.32 57.23 -7.91
CA ILE E 243 -9.52 57.99 -8.28
C ILE E 243 -10.05 58.62 -7.00
N HIS E 244 -9.99 59.94 -6.91
CA HIS E 244 -10.45 60.62 -5.70
C HIS E 244 -11.97 60.60 -5.67
N VAL E 245 -12.54 59.87 -4.72
CA VAL E 245 -13.99 59.66 -4.74
C VAL E 245 -14.67 60.49 -3.67
N ASP E 246 -14.38 60.20 -2.40
CA ASP E 246 -14.97 60.92 -1.28
C ASP E 246 -14.33 60.43 0.01
N ARG E 247 -14.23 61.33 0.98
CA ARG E 247 -13.71 60.94 2.29
C ARG E 247 -14.68 60.01 3.01
N GLU E 248 -15.98 60.26 2.87
CA GLU E 248 -17.00 59.56 3.67
C GLU E 248 -17.55 58.33 2.97
N VAL E 249 -17.87 58.44 1.68
CA VAL E 249 -18.46 57.31 0.97
C VAL E 249 -17.42 56.21 0.77
N LEU E 250 -16.22 56.58 0.34
CA LEU E 250 -15.21 55.58 0.00
C LEU E 250 -14.82 54.76 1.22
N PHE E 251 -14.61 55.42 2.35
CA PHE E 251 -14.10 54.72 3.52
C PHE E 251 -15.22 54.01 4.28
N CYS E 252 -16.18 54.78 4.79
CA CYS E 252 -17.08 54.27 5.79
C CYS E 252 -18.18 53.38 5.21
N HIS E 253 -18.32 53.34 3.89
CA HIS E 253 -19.38 52.59 3.24
C HIS E 253 -18.89 51.58 2.22
N VAL E 254 -17.68 51.75 1.69
CA VAL E 254 -17.13 50.84 0.70
C VAL E 254 -15.96 50.04 1.28
N HIS E 255 -15.12 50.68 2.09
CA HIS E 255 -13.90 50.04 2.54
C HIS E 255 -14.17 49.04 3.66
N LEU E 256 -14.83 49.48 4.74
CA LEU E 256 -15.09 48.59 5.86
C LEU E 256 -16.00 47.44 5.46
N VAL E 257 -16.98 47.71 4.60
CA VAL E 257 -17.87 46.64 4.14
C VAL E 257 -17.07 45.62 3.34
N SER E 258 -16.16 46.09 2.48
CA SER E 258 -15.29 45.17 1.75
C SER E 258 -14.45 44.35 2.68
N ILE E 259 -13.93 44.98 3.74
CA ILE E 259 -13.12 44.24 4.71
C ILE E 259 -13.93 43.16 5.38
N PHE E 260 -15.16 43.49 5.80
CA PHE E 260 -16.03 42.49 6.38
C PHE E 260 -16.37 41.40 5.38
N LEU E 261 -16.72 41.78 4.15
CA LEU E 261 -17.10 40.81 3.15
C LEU E 261 -15.96 39.86 2.82
N SER E 262 -14.74 40.37 2.79
CA SER E 262 -13.57 39.52 2.52
C SER E 262 -13.36 38.51 3.64
N ALA E 263 -13.48 38.95 4.89
CA ALA E 263 -13.39 38.03 6.01
C ALA E 263 -14.50 37.01 5.98
N LEU E 264 -15.69 37.41 5.52
CA LEU E 264 -16.79 36.47 5.38
C LEU E 264 -16.49 35.41 4.32
N ASN E 265 -15.88 35.83 3.21
CA ASN E 265 -15.57 34.89 2.13
C ASN E 265 -14.54 33.88 2.56
N SER E 266 -13.55 34.30 3.34
CA SER E 266 -12.54 33.38 3.83
C SER E 266 -13.09 32.45 4.90
N SER E 267 -14.07 32.92 5.67
CA SER E 267 -14.67 32.13 6.73
C SER E 267 -15.73 31.16 6.23
N ALA E 268 -16.03 31.17 4.93
CA ALA E 268 -17.02 30.27 4.37
C ALA E 268 -16.45 29.27 3.37
N ASN E 269 -15.25 29.53 2.85
CA ASN E 269 -14.62 28.57 1.95
C ASN E 269 -14.46 27.18 2.58
N PRO E 270 -14.08 27.03 3.84
CA PRO E 270 -14.10 25.69 4.44
C PRO E 270 -15.48 25.05 4.46
N ILE E 271 -16.54 25.84 4.54
CA ILE E 271 -17.89 25.27 4.55
C ILE E 271 -18.34 24.94 3.13
N ILE E 272 -18.16 25.88 2.21
CA ILE E 272 -18.61 25.67 0.83
C ILE E 272 -17.83 24.55 0.16
N TYR E 273 -16.54 24.40 0.47
CA TYR E 273 -15.67 23.51 -0.29
C TYR E 273 -15.30 22.22 0.42
N PHE E 274 -15.34 22.17 1.75
CA PHE E 274 -14.85 20.99 2.46
C PHE E 274 -15.93 20.30 3.28
N PHE E 275 -16.72 21.04 4.05
CA PHE E 275 -17.66 20.45 4.99
C PHE E 275 -18.96 20.03 4.35
N VAL E 276 -19.01 19.89 3.03
CA VAL E 276 -20.23 19.50 2.35
C VAL E 276 -19.98 18.37 1.37
N VAL F 2 27.29 -17.45 -13.32
CA VAL F 2 27.87 -16.18 -12.91
C VAL F 2 29.30 -16.07 -13.39
N GLN F 3 29.54 -15.17 -14.34
CA GLN F 3 30.87 -14.91 -14.87
C GLN F 3 31.12 -13.42 -14.92
N LEU F 4 32.37 -13.03 -14.71
CA LEU F 4 32.83 -11.65 -14.86
C LEU F 4 34.19 -11.72 -15.53
N VAL F 5 34.20 -11.66 -16.85
CA VAL F 5 35.43 -11.70 -17.62
C VAL F 5 35.83 -10.28 -17.96
N GLU F 6 37.12 -10.01 -17.94
CA GLU F 6 37.64 -8.66 -18.07
C GLU F 6 38.68 -8.60 -19.17
N SER F 7 38.79 -7.44 -19.79
CA SER F 7 39.67 -7.25 -20.93
C SER F 7 40.29 -5.85 -20.86
N GLY F 8 41.40 -5.68 -21.56
CA GLY F 8 42.19 -4.47 -21.50
C GLY F 8 43.66 -4.82 -21.48
N GLY F 9 44.36 -4.33 -20.47
CA GLY F 9 45.71 -4.79 -20.24
C GLY F 9 46.73 -4.27 -21.24
N GLY F 10 47.92 -4.83 -21.16
CA GLY F 10 49.02 -4.45 -22.01
C GLY F 10 49.91 -3.40 -21.38
N LEU F 11 50.99 -3.09 -22.08
CA LEU F 11 51.95 -2.09 -21.63
C LEU F 11 51.54 -0.71 -22.11
N VAL F 12 51.55 0.26 -21.19
CA VAL F 12 51.22 1.64 -21.50
C VAL F 12 52.30 2.53 -20.90
N GLN F 13 52.78 3.49 -21.68
CA GLN F 13 53.82 4.38 -21.21
C GLN F 13 53.24 5.37 -20.21
N PRO F 14 54.07 5.88 -19.29
CA PRO F 14 53.57 6.85 -18.31
C PRO F 14 53.00 8.08 -18.99
N GLY F 15 51.95 8.62 -18.41
CA GLY F 15 51.20 9.69 -19.02
C GLY F 15 50.25 9.25 -20.10
N GLY F 16 50.20 7.95 -20.40
CA GLY F 16 49.32 7.42 -21.43
C GLY F 16 47.88 7.34 -20.97
N SER F 17 47.15 6.38 -21.54
CA SER F 17 45.75 6.20 -21.20
C SER F 17 45.30 4.83 -21.65
N ARG F 18 44.27 4.31 -20.98
CA ARG F 18 43.76 2.99 -21.28
C ARG F 18 42.31 2.92 -20.81
N LYS F 19 41.59 1.92 -21.32
CA LYS F 19 40.23 1.63 -20.87
C LYS F 19 40.12 0.15 -20.57
N LEU F 20 39.72 -0.17 -19.35
CA LEU F 20 39.59 -1.54 -18.89
C LEU F 20 38.11 -1.88 -18.81
N SER F 21 37.71 -2.99 -19.44
CA SER F 21 36.32 -3.35 -19.57
C SER F 21 36.08 -4.74 -18.98
N CYS F 22 34.98 -4.88 -18.25
CA CYS F 22 34.56 -6.16 -17.69
C CYS F 22 33.12 -6.44 -18.12
N SER F 23 32.87 -7.64 -18.63
CA SER F 23 31.55 -8.04 -19.08
C SER F 23 30.99 -9.10 -18.13
N ALA F 24 29.74 -8.93 -17.75
CA ALA F 24 29.04 -9.87 -16.90
C ALA F 24 28.18 -10.81 -17.72
N SER F 25 27.94 -12.00 -17.18
CA SER F 25 27.12 -12.99 -17.88
C SER F 25 26.64 -14.01 -16.84
N GLY F 26 25.34 -14.12 -16.68
CA GLY F 26 24.78 -15.17 -15.85
C GLY F 26 24.12 -14.69 -14.58
N PHE F 27 23.93 -13.39 -14.42
CA PHE F 27 23.24 -12.86 -13.26
C PHE F 27 22.64 -11.51 -13.61
N ALA F 28 21.76 -11.03 -12.74
CA ALA F 28 21.08 -9.75 -12.95
C ALA F 28 22.06 -8.61 -12.72
N PHE F 29 22.81 -8.25 -13.77
CA PHE F 29 23.93 -7.32 -13.63
C PHE F 29 23.48 -5.96 -13.13
N SER F 30 22.28 -5.52 -13.50
CA SER F 30 21.86 -4.17 -13.19
C SER F 30 21.58 -3.96 -11.70
N SER F 31 21.43 -5.02 -10.93
CA SER F 31 21.10 -4.91 -9.51
C SER F 31 22.30 -5.11 -8.61
N PHE F 32 23.51 -5.11 -9.16
CA PHE F 32 24.74 -5.27 -8.39
C PHE F 32 25.57 -4.01 -8.51
N GLY F 33 26.06 -3.51 -7.38
CA GLY F 33 27.14 -2.55 -7.43
C GLY F 33 28.44 -3.22 -7.82
N MET F 34 29.34 -2.46 -8.43
CA MET F 34 30.55 -3.01 -8.97
C MET F 34 31.77 -2.29 -8.42
N HIS F 35 32.81 -3.05 -8.09
CA HIS F 35 34.04 -2.52 -7.53
C HIS F 35 35.22 -2.89 -8.41
N TRP F 36 36.24 -2.05 -8.40
CA TRP F 36 37.53 -2.36 -8.99
C TRP F 36 38.54 -2.50 -7.85
N VAL F 37 39.19 -3.65 -7.78
CA VAL F 37 40.20 -3.91 -6.76
C VAL F 37 41.44 -4.46 -7.45
N ARG F 38 42.57 -3.78 -7.26
CA ARG F 38 43.82 -4.20 -7.88
C ARG F 38 44.78 -4.72 -6.82
N GLN F 39 45.74 -5.52 -7.25
CA GLN F 39 46.85 -5.91 -6.39
C GLN F 39 48.14 -5.78 -7.19
N ALA F 40 49.15 -5.15 -6.57
CA ALA F 40 50.43 -4.98 -7.22
C ALA F 40 51.09 -6.34 -7.45
N PRO F 41 52.06 -6.42 -8.37
CA PRO F 41 52.58 -7.74 -8.79
C PRO F 41 53.00 -8.63 -7.64
N GLU F 42 53.58 -8.09 -6.57
CA GLU F 42 53.93 -8.87 -5.40
C GLU F 42 53.23 -8.42 -4.13
N LYS F 43 52.55 -7.28 -4.15
CA LYS F 43 51.99 -6.69 -2.95
C LYS F 43 50.55 -7.18 -2.73
N GLY F 44 49.84 -6.53 -1.81
CA GLY F 44 48.50 -6.94 -1.42
C GLY F 44 47.41 -6.27 -2.23
N LEU F 45 46.19 -6.37 -1.71
CA LEU F 45 44.99 -5.94 -2.41
C LEU F 45 44.66 -4.50 -2.08
N GLU F 46 44.31 -3.72 -3.09
CA GLU F 46 43.95 -2.32 -2.94
C GLU F 46 42.68 -2.02 -3.72
N TRP F 47 41.82 -1.18 -3.15
CA TRP F 47 40.52 -0.89 -3.72
C TRP F 47 40.59 0.40 -4.53
N VAL F 48 39.99 0.39 -5.72
CA VAL F 48 40.15 1.50 -6.66
C VAL F 48 38.90 2.37 -6.74
N ALA F 49 37.79 1.79 -7.17
CA ALA F 49 36.59 2.57 -7.46
C ALA F 49 35.36 1.72 -7.20
N TYR F 50 34.19 2.38 -7.21
CA TYR F 50 32.92 1.72 -6.96
C TYR F 50 31.82 2.48 -7.66
N ILE F 51 30.92 1.76 -8.32
CA ILE F 51 29.74 2.33 -8.95
C ILE F 51 28.51 1.55 -8.49
N SER F 52 27.48 2.27 -8.08
CA SER F 52 26.27 1.67 -7.53
C SER F 52 25.37 1.16 -8.64
N SER F 53 24.35 0.39 -8.25
CA SER F 53 23.30 0.04 -9.17
C SER F 53 22.51 1.28 -9.54
N GLY F 54 22.31 1.50 -10.84
CA GLY F 54 21.74 2.74 -11.30
C GLY F 54 22.72 3.87 -11.48
N SER F 55 24.01 3.62 -11.22
CA SER F 55 25.09 4.59 -11.44
C SER F 55 24.92 5.85 -10.61
N GLY F 56 24.21 5.77 -9.49
CA GLY F 56 23.91 6.95 -8.72
C GLY F 56 24.98 7.38 -7.73
N THR F 57 25.88 6.47 -7.38
CA THR F 57 26.91 6.76 -6.38
C THR F 57 28.24 6.21 -6.87
N ILE F 58 29.25 7.08 -6.93
CA ILE F 58 30.58 6.70 -7.37
C ILE F 58 31.59 7.15 -6.33
N TYR F 59 32.47 6.24 -5.92
CA TYR F 59 33.53 6.53 -4.98
C TYR F 59 34.88 6.14 -5.59
N TYR F 60 35.92 6.89 -5.24
CA TYR F 60 37.27 6.61 -5.72
C TYR F 60 38.23 6.60 -4.54
N ALA F 61 39.33 5.88 -4.72
CA ALA F 61 40.45 6.01 -3.81
C ALA F 61 41.22 7.28 -4.12
N ASP F 62 41.85 7.84 -3.09
CA ASP F 62 42.56 9.11 -3.24
C ASP F 62 43.75 8.99 -4.18
N THR F 63 44.31 7.79 -4.35
CA THR F 63 45.43 7.63 -5.26
C THR F 63 45.00 7.86 -6.71
N VAL F 64 43.81 7.40 -7.08
CA VAL F 64 43.34 7.46 -8.46
C VAL F 64 42.24 8.50 -8.63
N LYS F 65 41.93 9.27 -7.60
CA LYS F 65 40.88 10.27 -7.70
C LYS F 65 41.31 11.40 -8.62
N GLY F 66 40.44 11.73 -9.59
CA GLY F 66 40.69 12.77 -10.53
C GLY F 66 41.11 12.30 -11.90
N ARG F 67 41.86 11.20 -11.98
CA ARG F 67 42.37 10.70 -13.24
C ARG F 67 41.81 9.33 -13.62
N PHE F 68 40.96 8.74 -12.79
CA PHE F 68 40.30 7.48 -13.11
C PHE F 68 38.79 7.70 -13.11
N THR F 69 38.12 7.18 -14.13
CA THR F 69 36.68 7.26 -14.24
C THR F 69 36.09 5.87 -14.33
N ILE F 70 35.03 5.62 -13.57
CA ILE F 70 34.32 4.34 -13.59
C ILE F 70 32.96 4.57 -14.22
N SER F 71 32.55 3.64 -15.09
CA SER F 71 31.28 3.75 -15.78
C SER F 71 30.77 2.36 -16.12
N ARG F 72 29.46 2.27 -16.35
CA ARG F 72 28.82 1.01 -16.66
C ARG F 72 27.82 1.22 -17.79
N ASP F 73 27.57 0.15 -18.55
CA ASP F 73 26.57 0.14 -19.61
C ASP F 73 25.60 -0.99 -19.28
N ASP F 74 24.58 -0.66 -18.48
CA ASP F 74 23.69 -1.69 -17.95
C ASP F 74 23.03 -2.54 -19.04
N PRO F 75 22.46 -1.97 -20.12
CA PRO F 75 21.85 -2.83 -21.14
C PRO F 75 22.83 -3.80 -21.78
N LYS F 76 24.07 -3.40 -21.99
CA LYS F 76 25.05 -4.25 -22.65
C LYS F 76 25.86 -5.11 -21.69
N ASN F 77 25.58 -5.03 -20.39
CA ASN F 77 26.18 -5.89 -19.38
C ASN F 77 27.70 -5.76 -19.37
N THR F 78 28.18 -4.55 -19.13
CA THR F 78 29.61 -4.28 -19.19
C THR F 78 29.97 -3.16 -18.22
N LEU F 79 31.09 -3.33 -17.53
CA LEU F 79 31.63 -2.33 -16.63
C LEU F 79 32.96 -1.80 -17.18
N PHE F 80 33.21 -0.52 -16.97
CA PHE F 80 34.36 0.16 -17.55
C PHE F 80 35.23 0.80 -16.49
N LEU F 81 36.46 1.12 -16.89
CA LEU F 81 37.37 1.91 -16.08
C LEU F 81 38.29 2.68 -17.03
N GLN F 82 38.30 4.01 -16.90
CA GLN F 82 39.04 4.87 -17.81
C GLN F 82 40.35 5.30 -17.14
N MET F 83 41.47 4.94 -17.77
CA MET F 83 42.79 5.28 -17.27
C MET F 83 43.25 6.59 -17.91
N THR F 84 43.62 7.56 -17.09
CA THR F 84 44.16 8.82 -17.59
C THR F 84 45.37 9.18 -16.75
N SER F 85 46.44 9.62 -17.42
CA SER F 85 47.68 10.00 -16.77
C SER F 85 48.24 8.82 -15.96
N LEU F 86 48.52 7.74 -16.67
CA LEU F 86 48.96 6.52 -16.02
C LEU F 86 50.32 6.71 -15.37
N ARG F 87 50.53 5.98 -14.28
CA ARG F 87 51.70 6.12 -13.44
C ARG F 87 52.33 4.75 -13.23
N SER F 88 53.60 4.76 -12.81
CA SER F 88 54.30 3.50 -12.54
C SER F 88 53.71 2.76 -11.35
N GLU F 89 52.95 3.45 -10.49
CA GLU F 89 52.24 2.83 -9.39
C GLU F 89 50.86 2.32 -9.78
N ASP F 90 50.55 2.32 -11.08
CA ASP F 90 49.27 1.84 -11.58
C ASP F 90 49.37 0.48 -12.23
N THR F 91 50.45 -0.26 -11.98
CA THR F 91 50.62 -1.60 -12.52
C THR F 91 50.11 -2.61 -11.51
N ALA F 92 49.17 -3.46 -11.93
CA ALA F 92 48.51 -4.38 -11.01
C ALA F 92 47.57 -5.29 -11.80
N MET F 93 47.20 -6.41 -11.17
CA MET F 93 46.10 -7.24 -11.61
C MET F 93 44.79 -6.57 -11.20
N TYR F 94 44.00 -6.15 -12.18
CA TYR F 94 42.77 -5.45 -11.91
C TYR F 94 41.60 -6.42 -11.84
N TYR F 95 40.88 -6.40 -10.73
CA TYR F 95 39.77 -7.31 -10.49
C TYR F 95 38.45 -6.54 -10.49
N CYS F 96 37.41 -7.20 -10.96
CA CYS F 96 36.06 -6.69 -10.93
C CYS F 96 35.24 -7.52 -9.95
N VAL F 97 34.51 -6.84 -9.07
CA VAL F 97 33.80 -7.51 -7.99
C VAL F 97 32.36 -7.03 -7.97
N ARG F 98 31.42 -7.96 -7.86
CA ARG F 98 30.01 -7.61 -7.75
C ARG F 98 29.60 -7.58 -6.29
N SER F 99 28.79 -6.59 -5.93
CA SER F 99 28.30 -6.42 -4.57
C SER F 99 26.84 -6.03 -4.62
N ILE F 100 26.03 -6.65 -3.78
CA ILE F 100 24.62 -6.30 -3.64
C ILE F 100 24.36 -6.02 -2.16
N TYR F 101 23.67 -4.92 -1.88
CA TYR F 101 23.52 -4.42 -0.51
C TYR F 101 22.03 -4.32 -0.17
N TYR F 102 21.53 -5.32 0.55
CA TYR F 102 20.24 -5.25 1.22
C TYR F 102 20.39 -5.96 2.54
N TYR F 103 19.32 -6.03 3.31
CA TYR F 103 19.38 -6.69 4.61
C TYR F 103 19.63 -8.18 4.43
N GLY F 104 20.73 -8.65 5.00
CA GLY F 104 21.09 -10.05 4.92
C GLY F 104 21.95 -10.44 3.73
N SER F 105 22.27 -9.51 2.85
CA SER F 105 23.04 -9.84 1.67
C SER F 105 24.50 -10.07 2.03
N SER F 106 25.22 -10.69 1.09
CA SER F 106 26.65 -10.92 1.22
C SER F 106 27.37 -10.19 0.11
N PRO F 107 27.85 -8.97 0.34
CA PRO F 107 28.61 -8.27 -0.70
C PRO F 107 29.96 -8.91 -0.94
N PHE F 108 30.54 -8.59 -2.09
CA PHE F 108 31.83 -9.12 -2.52
C PHE F 108 31.77 -10.64 -2.70
N ASP F 109 30.61 -11.15 -3.12
CA ASP F 109 30.45 -12.59 -3.31
C ASP F 109 31.32 -13.11 -4.44
N PHE F 110 31.24 -12.46 -5.60
CA PHE F 110 31.89 -12.97 -6.80
C PHE F 110 32.95 -12.00 -7.29
N TRP F 111 34.18 -12.47 -7.36
CA TRP F 111 35.26 -11.77 -8.03
C TRP F 111 35.47 -12.39 -9.41
N GLY F 112 36.09 -11.64 -10.30
CA GLY F 112 36.33 -12.09 -11.66
C GLY F 112 37.82 -12.21 -11.93
N GLN F 113 38.18 -13.14 -12.81
CA GLN F 113 39.56 -13.29 -13.21
C GLN F 113 40.06 -11.99 -13.83
N GLY F 114 41.21 -11.53 -13.36
CA GLY F 114 41.64 -10.17 -13.63
C GLY F 114 42.42 -9.99 -14.91
N THR F 115 42.77 -8.74 -15.17
CA THR F 115 43.64 -8.35 -16.26
C THR F 115 44.84 -7.58 -15.72
N THR F 116 45.96 -7.72 -16.40
CA THR F 116 47.21 -7.09 -15.95
C THR F 116 47.52 -5.87 -16.80
N LEU F 117 47.71 -4.75 -16.14
CA LEU F 117 48.20 -3.53 -16.78
C LEU F 117 49.62 -3.28 -16.29
N THR F 118 50.53 -3.04 -17.24
CA THR F 118 51.95 -2.86 -16.93
C THR F 118 52.38 -1.48 -17.42
N VAL F 119 52.22 -0.47 -16.58
CA VAL F 119 52.59 0.90 -16.92
C VAL F 119 54.06 1.08 -16.60
N SER F 120 54.89 1.19 -17.64
CA SER F 120 56.33 1.36 -17.47
C SER F 120 56.68 2.81 -17.18
N SER F 136 40.92 9.97 9.32
CA SER F 136 41.71 9.70 8.13
C SER F 136 41.24 8.40 7.47
N ASP F 137 42.04 7.33 7.62
CA ASP F 137 41.73 6.04 7.03
C ASP F 137 41.87 4.96 8.08
N ILE F 138 41.07 3.91 7.93
CA ILE F 138 41.08 2.80 8.88
C ILE F 138 42.18 1.83 8.51
N VAL F 139 43.39 2.08 9.02
CA VAL F 139 44.48 1.14 8.83
C VAL F 139 44.24 -0.07 9.72
N MET F 140 44.23 -1.26 9.11
CA MET F 140 43.93 -2.48 9.83
C MET F 140 44.94 -3.54 9.43
N THR F 141 45.52 -4.19 10.44
CA THR F 141 46.81 -4.85 10.32
C THR F 141 46.70 -6.33 10.62
N GLN F 142 47.40 -7.13 9.84
CA GLN F 142 47.52 -8.57 10.06
C GLN F 142 48.96 -8.80 10.50
N ALA F 143 49.19 -8.78 11.82
CA ALA F 143 50.55 -8.84 12.35
C ALA F 143 51.27 -10.09 11.87
N THR F 144 50.59 -11.24 11.90
CA THR F 144 51.16 -12.44 11.32
C THR F 144 51.20 -12.31 9.80
N SER F 145 52.37 -12.58 9.22
CA SER F 145 52.55 -12.46 7.79
C SER F 145 52.79 -13.79 7.09
N SER F 146 53.12 -14.84 7.82
CA SER F 146 53.30 -16.16 7.23
C SER F 146 53.15 -17.20 8.32
N VAL F 147 52.36 -18.23 8.04
CA VAL F 147 52.10 -19.30 9.02
C VAL F 147 52.20 -20.66 8.34
N PRO F 148 53.13 -21.51 8.74
CA PRO F 148 53.10 -22.90 8.27
C PRO F 148 52.22 -23.75 9.18
N VAL F 149 51.21 -24.40 8.59
CA VAL F 149 50.24 -25.17 9.35
C VAL F 149 50.18 -26.58 8.77
N THR F 150 50.33 -27.58 9.63
CA THR F 150 50.20 -28.97 9.19
C THR F 150 48.74 -29.28 8.89
N PRO F 151 48.47 -30.09 7.86
CA PRO F 151 47.08 -30.44 7.54
C PRO F 151 46.40 -31.15 8.70
N GLY F 152 45.11 -30.87 8.86
CA GLY F 152 44.34 -31.46 9.95
C GLY F 152 44.50 -30.79 11.28
N GLU F 153 45.14 -29.63 11.33
CA GLU F 153 45.37 -28.91 12.58
C GLU F 153 44.62 -27.58 12.57
N SER F 154 43.98 -27.27 13.69
CA SER F 154 43.28 -26.00 13.83
C SER F 154 44.28 -24.85 13.76
N VAL F 155 43.93 -23.81 12.99
CA VAL F 155 44.77 -22.64 12.82
C VAL F 155 43.90 -21.40 12.96
N SER F 156 44.44 -20.37 13.61
CA SER F 156 43.73 -19.12 13.82
C SER F 156 44.49 -17.99 13.15
N ILE F 157 43.80 -17.23 12.31
CA ILE F 157 44.34 -16.06 11.64
C ILE F 157 43.66 -14.83 12.23
N SER F 158 44.45 -13.87 12.68
CA SER F 158 43.92 -12.72 13.39
C SER F 158 44.36 -11.42 12.73
N CYS F 159 43.50 -10.42 12.81
CA CYS F 159 43.87 -9.07 12.44
C CYS F 159 43.10 -8.08 13.31
N ARG F 160 43.66 -6.89 13.44
CA ARG F 160 43.06 -5.82 14.22
C ARG F 160 42.90 -4.59 13.36
N SER F 161 42.17 -3.61 13.88
CA SER F 161 41.83 -2.40 13.15
C SER F 161 42.19 -1.18 13.98
N SER F 162 42.33 -0.05 13.28
CA SER F 162 42.60 1.21 13.97
C SER F 162 41.42 1.61 14.85
N LYS F 163 40.21 1.44 14.36
CA LYS F 163 39.01 1.77 15.12
C LYS F 163 38.04 0.59 15.07
N SER F 164 36.94 0.73 15.80
CA SER F 164 35.99 -0.36 15.93
C SER F 164 35.14 -0.49 14.67
N LEU F 165 35.03 -1.70 14.15
CA LEU F 165 34.14 -2.02 13.05
C LEU F 165 32.74 -2.35 13.52
N LEU F 166 32.50 -2.39 14.83
CA LEU F 166 31.17 -2.61 15.37
C LEU F 166 30.39 -1.31 15.30
N HIS F 167 29.25 -1.34 14.62
CA HIS F 167 28.44 -0.15 14.38
C HIS F 167 27.32 -0.07 15.42
N SER F 168 26.54 1.01 15.33
CA SER F 168 25.43 1.20 16.24
C SER F 168 24.28 0.25 15.96
N ASN F 169 24.23 -0.36 14.78
CA ASN F 169 23.18 -1.31 14.45
C ASN F 169 23.55 -2.74 14.81
N GLY F 170 24.68 -2.95 15.48
CA GLY F 170 25.10 -4.28 15.85
C GLY F 170 25.83 -5.03 14.78
N ASN F 171 25.97 -4.45 13.59
CA ASN F 171 26.72 -5.09 12.52
C ASN F 171 28.20 -4.76 12.65
N THR F 172 29.04 -5.79 12.65
CA THR F 172 30.48 -5.62 12.60
C THR F 172 30.92 -5.87 11.17
N TYR F 173 31.50 -4.85 10.54
CA TYR F 173 31.65 -4.85 9.09
C TYR F 173 33.05 -5.31 8.69
N LEU F 174 33.36 -6.56 9.03
CA LEU F 174 34.62 -7.17 8.65
C LEU F 174 34.37 -8.40 7.78
N TYR F 175 35.18 -8.53 6.73
CA TYR F 175 35.05 -9.58 5.73
C TYR F 175 36.37 -10.32 5.62
N TRP F 176 36.28 -11.61 5.30
CA TRP F 176 37.45 -12.46 5.14
C TRP F 176 37.47 -13.02 3.74
N PHE F 177 38.62 -12.93 3.07
CA PHE F 177 38.79 -13.47 1.73
C PHE F 177 39.96 -14.45 1.71
N LEU F 178 39.96 -15.30 0.69
CA LEU F 178 41.00 -16.28 0.47
C LEU F 178 41.46 -16.20 -0.97
N GLN F 179 42.77 -16.14 -1.18
CA GLN F 179 43.34 -16.13 -2.53
C GLN F 179 44.29 -17.32 -2.66
N ARG F 180 43.83 -18.37 -3.33
CA ARG F 180 44.68 -19.49 -3.65
C ARG F 180 45.70 -19.06 -4.70
N PRO F 181 46.83 -19.77 -4.79
CA PRO F 181 47.83 -19.41 -5.81
C PRO F 181 47.23 -19.47 -7.21
N GLY F 182 47.51 -18.43 -8.00
CA GLY F 182 46.99 -18.35 -9.35
C GLY F 182 45.47 -18.32 -9.42
N GLN F 183 44.82 -17.60 -8.52
CA GLN F 183 43.37 -17.57 -8.49
C GLN F 183 42.89 -16.21 -8.02
N SER F 184 41.65 -15.90 -8.38
CA SER F 184 40.98 -14.72 -7.88
C SER F 184 40.49 -14.96 -6.44
N PRO F 185 40.51 -13.92 -5.61
CA PRO F 185 40.05 -14.09 -4.23
C PRO F 185 38.57 -14.42 -4.17
N GLN F 186 38.21 -15.19 -3.14
CA GLN F 186 36.83 -15.56 -2.90
C GLN F 186 36.49 -15.28 -1.44
N LEU F 187 35.20 -15.05 -1.20
CA LEU F 187 34.73 -14.62 0.10
C LEU F 187 34.45 -15.81 1.01
N LEU F 188 34.87 -15.69 2.26
CA LEU F 188 34.65 -16.70 3.29
C LEU F 188 33.65 -16.26 4.35
N ILE F 189 33.86 -15.12 4.96
CA ILE F 189 32.99 -14.61 6.02
C ILE F 189 32.59 -13.19 5.66
N TYR F 190 31.29 -12.90 5.79
CA TYR F 190 30.77 -11.55 5.62
C TYR F 190 30.19 -11.08 6.95
N ARG F 191 30.54 -9.86 7.33
CA ARG F 191 30.12 -9.25 8.60
C ARG F 191 30.58 -10.09 9.79
N MET F 192 31.79 -10.64 9.67
CA MET F 192 32.63 -11.11 10.77
C MET F 192 32.15 -12.42 11.39
N SER F 193 30.96 -12.88 11.02
CA SER F 193 30.43 -14.12 11.59
C SER F 193 29.81 -15.07 10.58
N ASN F 194 29.37 -14.60 9.42
CA ASN F 194 28.48 -15.36 8.55
C ASN F 194 29.28 -16.05 7.45
N LEU F 195 29.08 -17.36 7.32
CA LEU F 195 29.72 -18.12 6.25
C LEU F 195 29.10 -17.80 4.91
N ALA F 196 29.95 -17.72 3.88
CA ALA F 196 29.48 -17.50 2.53
C ALA F 196 28.89 -18.80 1.96
N SER F 197 28.17 -18.66 0.85
CA SER F 197 27.50 -19.78 0.22
C SER F 197 28.52 -20.62 -0.54
N GLY F 198 28.56 -21.91 -0.24
CA GLY F 198 29.51 -22.79 -0.87
C GLY F 198 30.85 -22.87 -0.16
N VAL F 199 30.88 -22.65 1.15
CA VAL F 199 32.11 -22.64 1.93
C VAL F 199 31.98 -23.69 3.02
N PRO F 200 33.01 -24.50 3.25
CA PRO F 200 32.91 -25.55 4.28
C PRO F 200 32.64 -24.97 5.66
N ASP F 201 31.86 -25.72 6.44
CA ASP F 201 31.46 -25.27 7.78
C ASP F 201 32.62 -25.17 8.74
N ARG F 202 33.78 -25.71 8.39
CA ARG F 202 34.94 -25.66 9.28
C ARG F 202 35.50 -24.25 9.42
N PHE F 203 35.10 -23.33 8.56
CA PHE F 203 35.50 -21.93 8.69
C PHE F 203 34.58 -21.24 9.69
N SER F 204 35.18 -20.55 10.65
CA SER F 204 34.43 -19.79 11.63
C SER F 204 35.13 -18.47 11.88
N GLY F 205 34.35 -17.45 12.20
CA GLY F 205 34.89 -16.14 12.50
C GLY F 205 34.34 -15.61 13.81
N SER F 206 35.15 -14.82 14.49
CA SER F 206 34.78 -14.30 15.79
C SER F 206 35.64 -13.08 16.09
N GLY F 207 35.25 -12.35 17.12
CA GLY F 207 36.03 -11.23 17.61
C GLY F 207 35.14 -10.05 17.94
N SER F 208 35.70 -9.13 18.72
CA SER F 208 35.05 -7.87 19.03
C SER F 208 35.62 -6.79 18.12
N GLY F 209 35.17 -5.55 18.33
CA GLY F 209 35.74 -4.44 17.61
C GLY F 209 37.23 -4.35 17.85
N THR F 210 38.00 -4.14 16.77
CA THR F 210 39.44 -3.98 16.78
C THR F 210 40.20 -5.25 17.16
N ALA F 211 39.54 -6.41 17.12
CA ALA F 211 40.24 -7.68 17.39
C ALA F 211 39.40 -8.80 16.80
N PHE F 212 39.95 -9.50 15.81
CA PHE F 212 39.17 -10.45 15.02
C PHE F 212 40.00 -11.70 14.77
N THR F 213 39.31 -12.79 14.49
CA THR F 213 39.99 -14.06 14.25
C THR F 213 39.22 -14.87 13.22
N LEU F 214 39.95 -15.69 12.47
CA LEU F 214 39.40 -16.64 11.53
C LEU F 214 39.98 -18.01 11.84
N THR F 215 39.11 -18.96 12.14
CA THR F 215 39.53 -20.29 12.55
C THR F 215 39.26 -21.30 11.45
N ILE F 216 40.28 -22.07 11.09
CA ILE F 216 40.14 -23.15 10.13
C ILE F 216 40.37 -24.47 10.86
N SER F 217 39.29 -25.08 11.35
CA SER F 217 39.38 -26.38 12.00
C SER F 217 39.45 -27.48 10.96
N ARG F 218 40.27 -28.50 11.24
CA ARG F 218 40.48 -29.62 10.32
C ARG F 218 40.94 -29.11 8.96
N LEU F 219 42.11 -28.48 8.95
CA LEU F 219 42.67 -27.92 7.73
C LEU F 219 42.96 -29.02 6.72
N GLU F 220 42.76 -28.70 5.45
CA GLU F 220 42.95 -29.62 4.35
C GLU F 220 43.73 -28.94 3.23
N ALA F 221 44.07 -29.72 2.22
CA ALA F 221 44.62 -29.13 1.00
C ALA F 221 43.52 -28.36 0.27
N GLU F 222 43.94 -27.51 -0.66
CA GLU F 222 43.05 -26.55 -1.30
C GLU F 222 42.40 -25.63 -0.26
N ASP F 223 43.08 -25.44 0.86
CA ASP F 223 42.67 -24.52 1.92
C ASP F 223 43.89 -23.72 2.35
N VAL F 224 44.76 -23.42 1.40
CA VAL F 224 45.98 -22.65 1.65
C VAL F 224 46.02 -21.50 0.65
N GLY F 225 46.82 -20.50 1.01
CA GLY F 225 46.91 -19.28 0.25
C GLY F 225 47.00 -18.10 1.18
N VAL F 226 46.58 -16.94 0.70
CA VAL F 226 46.69 -15.70 1.45
C VAL F 226 45.30 -15.30 1.93
N TYR F 227 45.18 -14.96 3.20
CA TYR F 227 43.92 -14.60 3.82
C TYR F 227 43.89 -13.11 4.11
N TYR F 228 42.85 -12.43 3.64
CA TYR F 228 42.72 -10.99 3.77
C TYR F 228 41.50 -10.66 4.61
N CYS F 229 41.59 -9.57 5.37
CA CYS F 229 40.48 -9.05 6.14
C CYS F 229 40.19 -7.62 5.69
N MET F 230 39.03 -7.42 5.09
CA MET F 230 38.59 -6.12 4.62
C MET F 230 37.58 -5.53 5.60
N GLN F 231 37.67 -4.23 5.80
CA GLN F 231 36.65 -3.48 6.52
C GLN F 231 35.68 -2.85 5.51
N HIS F 232 34.39 -2.91 5.83
CA HIS F 232 33.37 -2.25 5.02
C HIS F 232 32.64 -1.17 5.79
N LEU F 233 33.21 -0.70 6.90
CA LEU F 233 32.53 0.30 7.72
C LEU F 233 32.40 1.63 6.98
N GLU F 234 33.47 2.06 6.31
CA GLU F 234 33.45 3.35 5.63
C GLU F 234 34.44 3.32 4.49
N TYR F 235 34.20 4.19 3.52
CA TYR F 235 35.09 4.33 2.38
C TYR F 235 36.26 5.24 2.73
N PRO F 236 37.46 4.98 2.19
CA PRO F 236 37.82 3.91 1.25
C PRO F 236 37.89 2.54 1.89
N LEU F 237 37.69 1.50 1.11
CA LEU F 237 37.72 0.14 1.62
C LEU F 237 39.17 -0.29 1.79
N THR F 238 39.47 -0.87 2.96
CA THR F 238 40.84 -1.18 3.35
C THR F 238 40.99 -2.68 3.52
N PHE F 239 42.06 -3.22 2.94
CA PHE F 239 42.41 -4.62 3.08
C PHE F 239 43.61 -4.75 4.01
N GLY F 240 43.79 -5.95 4.54
CA GLY F 240 44.96 -6.26 5.35
C GLY F 240 46.17 -6.55 4.49
N ALA F 241 47.30 -6.75 5.17
CA ALA F 241 48.53 -7.05 4.46
C ALA F 241 48.48 -8.44 3.83
N GLY F 242 47.83 -9.39 4.49
CA GLY F 242 47.75 -10.74 3.99
C GLY F 242 48.53 -11.73 4.82
N THR F 243 47.83 -12.61 5.54
CA THR F 243 48.44 -13.67 6.32
C THR F 243 48.32 -14.97 5.53
N LYS F 244 49.44 -15.46 5.02
CA LYS F 244 49.45 -16.59 4.11
C LYS F 244 49.74 -17.90 4.84
N LEU F 245 49.17 -18.98 4.32
CA LEU F 245 49.40 -20.33 4.82
C LEU F 245 50.17 -21.14 3.79
N GLU F 246 51.25 -21.76 4.24
CA GLU F 246 52.08 -22.61 3.38
C GLU F 246 52.18 -23.99 4.00
N LEU F 247 52.26 -25.00 3.13
CA LEU F 247 52.28 -26.38 3.59
C LEU F 247 53.53 -26.69 4.41
#